data_7TRP
#
_entry.id   7TRP
#
_cell.length_a   1.00
_cell.length_b   1.00
_cell.length_c   1.00
_cell.angle_alpha   90.00
_cell.angle_beta   90.00
_cell.angle_gamma   90.00
#
_symmetry.space_group_name_H-M   'P 1'
#
loop_
_entity.id
_entity.type
_entity.pdbx_description
1 polymer 'Muscarinic acetylcholine receptor M4'
2 polymer 'Guanine nucleotide-binding protein G(I)/G(S)/G(T) subunit beta-1'
3 polymer 'Guanine nucleotide-binding protein G(I)/G(S)/G(O) subunit gamma-2'
4 polymer 'Antibody fragment scFv16'
5 polymer 'Guanine nucleotide-binding protein G(i) subunit alpha-1'
6 non-polymer 3-amino-5-chloro-N-cyclopropyl-6-methoxy-4-methylthieno[2,3-b]pyridine-2-carboxamide
7 non-polymer 4-(4,5-dihydro-1,2-oxazol-3-yloxy)-N,N,N-trimethylbut-2-yn-1-aminium
#
loop_
_entity_poly.entity_id
_entity_poly.type
_entity_poly.pdbx_seq_one_letter_code
_entity_poly.pdbx_strand_id
1 'polypeptide(L)'
;DYKDDDDAMANFTPVNGSSGNQSVRLVTSSSHNRYETVEMVFIATVTGSLSLVTVVGNILVMLSIKVNRQLQTVNNYFLF
SLACADLIIGAFSMNLYTVYIIKGYWPLGAVVCDLWLALDYVVSNASVMNLLIISFDRYFCVTKPLTYPARRTTKMAGLM
IAAAWVLSFVLWAPAILFWQFVVGKRTVPDNQCFIQFLSNPAVTFGTAIAAFYLPVVIMTVLYIHISLASRSRVHKHRPE
GPKEKKAKTKRQMAARERKVTRTIFAILLAFILTWTPYNVMVLVNTFCQSCIPDTVWSIGYWLCYVNSTINPACYALCNA
TFKKTFRHLLLCQYRNIGTARHHHHHHHH
;
R
2 'polypeptide(L)'
;HHHHHHGSSGSELDQLRQEAEQLKNQIRDARKACADATLSQITNNIDPVGRIQMRTRRTLRGHLAKIYAMHWGTDSRLLV
SASQDGKLIIWDSYTTNKVHAIPLRSSWVMTCAYAPSGNYVACGGLDNICSIYNLKTREGNVRVSRELAGHTGYLSCCRF
LDDNQIVTSSGDTTCALWDIETGQQTTTFTGHTGDVMSLSLAPDTRLFVSGACDASAKLWDVREGMCRQTFTGHESDINA
ICFFPNGNAFATGSDDATCRLFDLRADQELMTYSHDNIICGITSVSFSKSGRLLLAGYDDFNCNVWDALKADRAGVLAGH
DNRVSCLGVTDDGMAVATGSWDSFLKIWN
;
B
3 'polypeptide(L)' ASNNTASIAQARKLVEQLKMEANIDRIKVSKAAADLMAYCEAHAKEDPLLTPVPASENPFREKKFFCAIL G
4 'polypeptide(L)'
;DVQLVESGGGLVQPGGSRKLSCSASGFAFSSFGMHWVRQAPEKGLEWVAYISSGSGTIYYADTVKGRFTISRDDPKNTLF
LQMTSLRSEDTAMYYCVRSIYYYGSSPFDFWGQGTTLTVSSGGGGSGGGGSGGGGSDIVMTQATSSVPVTPGESVSISCR
SSKSLLHSNGNTYLYWFLQRPGQSPQLLIYRMSNLASGVPDRFSGSGSGTAFTLTISRLEAEDVGVYYCMQHLEYPLTFG
AGTKLELK
;
H
5 'polypeptide(L)'
;MGCTLSAEDKAAVERSKMIDRNLREDGEKAAREVKLLLLGAGESGKNTIVKQMKIIHEAGYSEEECKQYKAVVYSNTIQS
IIAIIRAMGRLKIDFGDSARADDARQLFVLAGAAEEGFMTAELAGVIKRLWKDSGVQACFNRSREYQLNDSAAYYLNDLD
RIAQPNYIPTQQDVLRTRVKTTGIVETHFTFKDLHFKMFDVGAQRSERKKWIHCFEGVTAIIFCVALSDYDLVLAEDEEM
NRMHASMKLFDSICNNKWFTDTSIILFLNKKDLFEEKIKKSPLTICYPEYAGSNTYEEAAAYIQCQFEDLNKRKDTKEIY
THFTCSTDTKNVQFVFDAVTDVIIKNNLKDCGLF
;
A
#
loop_
_chem_comp.id
_chem_comp.type
_chem_comp.name
_chem_comp.formula
IUE non-polymer 3-amino-5-chloro-N-cyclopropyl-6-methoxy-4-methylthieno[2,3-b]pyridine-2-carboxamide 'C13 H14 Cl N3 O2 S'
IXO non-polymer 4-(4,5-dihydro-1,2-oxazol-3-yloxy)-N,N,N-trimethylbut-2-yn-1-aminium 'C10 H17 N2 O2 1'
#
# COMPACT_ATOMS: atom_id res chain seq x y z
N VAL A 41 -49.28 21.71 18.75
CA VAL A 41 -48.35 20.61 18.51
C VAL A 41 -47.02 21.16 18.00
N PHE A 42 -46.80 22.45 18.21
CA PHE A 42 -45.53 23.09 17.83
C PHE A 42 -44.33 22.46 18.52
N ILE A 43 -44.54 21.91 19.73
CA ILE A 43 -43.44 21.29 20.47
C ILE A 43 -43.05 19.98 19.80
N ALA A 44 -44.04 19.25 19.28
CA ALA A 44 -43.75 18.02 18.54
C ALA A 44 -42.94 18.30 17.28
N THR A 45 -43.25 19.40 16.59
CA THR A 45 -42.50 19.80 15.40
C THR A 45 -41.05 20.18 15.74
N VAL A 46 -40.86 21.00 16.78
CA VAL A 46 -39.50 21.40 17.16
C VAL A 46 -38.68 20.21 17.65
N THR A 47 -39.27 19.33 18.46
CA THR A 47 -38.53 18.17 18.94
C THR A 47 -38.32 17.13 17.85
N GLY A 48 -39.21 17.07 16.85
CA GLY A 48 -38.97 16.24 15.69
C GLY A 48 -37.81 16.76 14.86
N SER A 49 -37.72 18.08 14.71
CA SER A 49 -36.58 18.69 14.03
C SER A 49 -35.28 18.44 14.78
N LEU A 50 -35.32 18.49 16.13
CA LEU A 50 -34.14 18.17 16.94
C LEU A 50 -33.71 16.71 16.76
N SER A 51 -34.69 15.79 16.79
CA SER A 51 -34.42 14.39 16.50
C SER A 51 -33.84 14.20 15.10
N LEU A 52 -34.35 14.96 14.12
CA LEU A 52 -33.85 14.88 12.76
C LEU A 52 -32.41 15.35 12.66
N VAL A 53 -32.07 16.45 13.35
CA VAL A 53 -30.70 16.96 13.39
C VAL A 53 -29.77 15.93 14.03
N THR A 54 -30.25 15.29 15.11
CA THR A 54 -29.46 14.26 15.79
C THR A 54 -29.17 13.07 14.88
N VAL A 55 -30.22 12.52 14.25
CA VAL A 55 -30.05 11.33 13.41
C VAL A 55 -29.15 11.65 12.21
N VAL A 56 -29.40 12.77 11.51
CA VAL A 56 -28.57 13.09 10.33
C VAL A 56 -27.13 13.34 10.74
N GLY A 57 -26.89 14.00 11.89
CA GLY A 57 -25.53 14.24 12.34
C GLY A 57 -24.78 12.95 12.65
N ASN A 58 -25.44 12.01 13.33
CA ASN A 58 -24.82 10.72 13.61
C ASN A 58 -24.54 9.93 12.33
N ILE A 59 -25.50 9.97 11.38
CA ILE A 59 -25.32 9.31 10.09
C ILE A 59 -24.15 9.93 9.34
N LEU A 60 -24.02 11.26 9.39
CA LEU A 60 -22.93 11.96 8.73
C LEU A 60 -21.58 11.57 9.32
N VAL A 61 -21.52 11.43 10.66
CA VAL A 61 -20.28 10.97 11.32
C VAL A 61 -19.93 9.56 10.86
N MET A 62 -20.92 8.67 10.81
CA MET A 62 -20.69 7.29 10.36
C MET A 62 -20.24 7.25 8.91
N LEU A 63 -20.86 8.08 8.05
CA LEU A 63 -20.47 8.18 6.65
C LEU A 63 -19.05 8.70 6.53
N SER A 64 -18.69 9.68 7.36
CA SER A 64 -17.34 10.24 7.36
C SER A 64 -16.31 9.17 7.70
N ILE A 65 -16.66 8.27 8.62
CA ILE A 65 -15.67 7.27 9.02
C ILE A 65 -15.62 6.12 8.01
N LYS A 66 -16.75 5.74 7.41
CA LYS A 66 -16.77 4.61 6.49
C LYS A 66 -16.38 4.96 5.06
N VAL A 67 -16.99 6.00 4.48
CA VAL A 67 -16.71 6.42 3.12
C VAL A 67 -15.25 6.85 2.96
N ASN A 68 -14.73 7.64 3.89
CA ASN A 68 -13.36 8.14 3.76
C ASN A 68 -12.44 7.07 4.34
N ARG A 69 -11.44 6.69 3.55
CA ARG A 69 -10.47 5.69 3.99
C ARG A 69 -9.51 6.23 5.02
N GLN A 70 -9.19 7.53 4.96
CA GLN A 70 -8.17 8.13 5.80
C GLN A 70 -8.63 8.36 7.24
N LEU A 71 -9.89 8.09 7.56
CA LEU A 71 -10.42 8.29 8.90
C LEU A 71 -10.63 6.98 9.65
N GLN A 72 -10.33 5.84 9.05
CA GLN A 72 -10.54 4.55 9.69
C GLN A 72 -9.35 4.29 10.61
N THR A 73 -9.40 4.89 11.79
CA THR A 73 -8.37 4.79 12.80
C THR A 73 -8.91 4.11 14.05
N VAL A 74 -7.98 3.75 14.93
CA VAL A 74 -8.35 3.18 16.23
C VAL A 74 -9.06 4.21 17.11
N ASN A 75 -8.66 5.47 17.00
CA ASN A 75 -9.32 6.53 17.78
C ASN A 75 -10.74 6.80 17.32
N ASN A 76 -11.06 6.50 16.05
CA ASN A 76 -12.37 6.82 15.53
C ASN A 76 -13.40 5.72 15.75
N TYR A 77 -12.98 4.55 16.23
CA TYR A 77 -13.92 3.49 16.58
C TYR A 77 -14.80 3.89 17.76
N PHE A 78 -14.20 4.56 18.75
CA PHE A 78 -14.97 5.06 19.88
C PHE A 78 -15.98 6.12 19.44
N LEU A 79 -15.58 6.99 18.50
CA LEU A 79 -16.51 7.97 17.94
C LEU A 79 -17.64 7.31 17.17
N PHE A 80 -17.31 6.24 16.43
CA PHE A 80 -18.32 5.43 15.74
C PHE A 80 -19.35 4.87 16.72
N SER A 81 -18.87 4.20 17.78
CA SER A 81 -19.76 3.64 18.81
C SER A 81 -20.61 4.71 19.47
N LEU A 82 -20.01 5.87 19.76
CA LEU A 82 -20.74 6.97 20.38
C LEU A 82 -21.82 7.52 19.45
N ALA A 83 -21.50 7.64 18.16
CA ALA A 83 -22.51 8.11 17.20
C ALA A 83 -23.60 7.08 16.96
N CYS A 84 -23.28 5.79 17.12
CA CYS A 84 -24.33 4.77 17.02
C CYS A 84 -25.26 4.82 18.22
N ALA A 85 -24.70 5.03 19.42
CA ALA A 85 -25.52 5.21 20.61
C ALA A 85 -26.41 6.44 20.50
N ASP A 86 -25.84 7.55 20.00
CA ASP A 86 -26.62 8.77 19.83
C ASP A 86 -27.66 8.62 18.72
N LEU A 87 -27.39 7.77 17.72
CA LEU A 87 -28.37 7.45 16.71
C LEU A 87 -29.55 6.69 17.31
N ILE A 88 -29.26 5.70 18.16
CA ILE A 88 -30.30 4.95 18.87
C ILE A 88 -31.17 5.91 19.70
N ILE A 89 -30.54 6.81 20.45
CA ILE A 89 -31.26 7.78 21.28
C ILE A 89 -32.12 8.70 20.44
N GLY A 90 -31.58 9.23 19.34
CA GLY A 90 -32.35 10.11 18.48
C GLY A 90 -33.50 9.43 17.76
N ALA A 91 -33.25 8.23 17.22
CA ALA A 91 -34.27 7.52 16.47
C ALA A 91 -35.41 6.99 17.35
N PHE A 92 -35.09 6.42 18.51
CA PHE A 92 -36.11 5.74 19.29
C PHE A 92 -36.44 6.42 20.61
N SER A 93 -35.42 6.75 21.42
CA SER A 93 -35.66 7.32 22.74
C SER A 93 -36.33 8.68 22.68
N MET A 94 -35.92 9.54 21.74
CA MET A 94 -36.51 10.87 21.63
C MET A 94 -37.97 10.83 21.24
N ASN A 95 -38.34 9.99 20.26
CA ASN A 95 -39.70 9.94 19.71
C ASN A 95 -40.74 9.54 20.76
N LEU A 96 -40.39 8.55 21.59
CA LEU A 96 -41.33 8.07 22.59
C LEU A 96 -41.52 9.13 23.67
N TYR A 97 -40.45 9.85 24.02
CA TYR A 97 -40.63 10.96 24.95
C TYR A 97 -41.41 12.11 24.31
N THR A 98 -41.40 12.24 22.97
CA THR A 98 -42.18 13.29 22.32
C THR A 98 -43.67 12.98 22.41
N VAL A 99 -44.08 11.78 21.98
CA VAL A 99 -45.47 11.37 22.15
C VAL A 99 -45.88 11.40 23.64
N TYR A 100 -44.94 11.11 24.56
CA TYR A 100 -45.21 11.18 25.99
C TYR A 100 -45.49 12.62 26.45
N ILE A 101 -44.73 13.60 25.97
CA ILE A 101 -44.98 14.96 26.41
C ILE A 101 -46.17 15.59 25.69
N ILE A 102 -46.44 15.21 24.44
CA ILE A 102 -47.58 15.78 23.71
C ILE A 102 -48.90 15.24 24.27
N LYS A 103 -48.98 13.91 24.45
CA LYS A 103 -50.19 13.35 25.03
C LYS A 103 -50.32 13.71 26.51
N GLY A 104 -49.21 13.76 27.22
CA GLY A 104 -49.21 14.07 28.64
C GLY A 104 -49.22 12.84 29.53
N TYR A 105 -49.44 11.67 28.96
CA TYR A 105 -49.47 10.41 29.67
C TYR A 105 -48.88 9.34 28.77
N TRP A 106 -48.66 8.16 29.33
CA TRP A 106 -48.06 7.06 28.57
C TRP A 106 -49.11 5.96 28.34
N PRO A 107 -49.76 5.92 27.18
CA PRO A 107 -50.77 4.89 26.90
C PRO A 107 -50.24 3.63 26.24
N LEU A 108 -48.94 3.58 25.92
CA LEU A 108 -48.36 2.44 25.20
C LEU A 108 -48.52 1.13 25.97
N GLY A 109 -48.21 1.14 27.25
CA GLY A 109 -48.33 -0.07 28.05
C GLY A 109 -47.30 -0.08 29.16
N ALA A 110 -47.27 -1.21 29.88
CA ALA A 110 -46.35 -1.38 30.99
C ALA A 110 -45.11 -2.18 30.63
N VAL A 111 -45.20 -3.09 29.66
CA VAL A 111 -44.05 -3.87 29.25
C VAL A 111 -43.16 -3.06 28.29
N VAL A 112 -43.79 -2.41 27.31
CA VAL A 112 -43.09 -1.53 26.38
C VAL A 112 -42.45 -0.35 27.11
N CYS A 113 -43.08 0.13 28.19
CA CYS A 113 -42.49 1.18 29.02
C CYS A 113 -41.21 0.71 29.67
N ASP A 114 -41.20 -0.51 30.21
CA ASP A 114 -39.99 -1.06 30.81
C ASP A 114 -38.90 -1.32 29.78
N LEU A 115 -39.29 -1.77 28.58
CA LEU A 115 -38.30 -1.95 27.51
C LEU A 115 -37.72 -0.62 27.05
N TRP A 116 -38.54 0.43 26.99
CA TRP A 116 -38.06 1.77 26.64
C TRP A 116 -37.11 2.31 27.69
N LEU A 117 -37.46 2.15 28.97
CA LEU A 117 -36.59 2.60 30.05
C LEU A 117 -35.26 1.86 30.05
N ALA A 118 -35.29 0.53 29.86
CA ALA A 118 -34.06 -0.25 29.85
C ALA A 118 -33.19 0.12 28.66
N LEU A 119 -33.80 0.30 27.47
CA LEU A 119 -33.06 0.69 26.28
C LEU A 119 -32.45 2.08 26.44
N ASP A 120 -33.21 3.03 26.97
CA ASP A 120 -32.73 4.40 27.08
C ASP A 120 -31.63 4.51 28.13
N TYR A 121 -31.78 3.82 29.25
CA TYR A 121 -30.77 3.97 30.29
C TYR A 121 -29.52 3.17 29.99
N VAL A 122 -29.61 2.12 29.18
CA VAL A 122 -28.39 1.39 28.85
C VAL A 122 -27.64 2.11 27.74
N VAL A 123 -28.35 2.62 26.72
CA VAL A 123 -27.68 3.32 25.63
C VAL A 123 -27.09 4.64 26.12
N SER A 124 -27.81 5.35 27.00
CA SER A 124 -27.29 6.58 27.59
C SER A 124 -26.06 6.34 28.48
N ASN A 125 -26.10 5.30 29.34
CA ASN A 125 -24.89 4.99 30.11
C ASN A 125 -23.75 4.55 29.21
N ALA A 126 -24.06 3.85 28.11
CA ALA A 126 -23.03 3.47 27.15
C ALA A 126 -22.40 4.70 26.52
N SER A 127 -23.21 5.74 26.25
CA SER A 127 -22.69 7.00 25.74
C SER A 127 -21.74 7.67 26.74
N VAL A 128 -22.13 7.68 28.03
CA VAL A 128 -21.26 8.23 29.07
C VAL A 128 -19.98 7.41 29.22
N MET A 129 -20.08 6.09 29.05
CA MET A 129 -18.90 5.24 29.18
C MET A 129 -17.98 5.38 27.98
N ASN A 130 -18.55 5.56 26.78
CA ASN A 130 -17.76 5.86 25.59
C ASN A 130 -17.02 7.18 25.74
N LEU A 131 -17.67 8.17 26.35
CA LEU A 131 -16.97 9.43 26.62
C LEU A 131 -15.84 9.24 27.64
N LEU A 132 -16.08 8.40 28.64
CA LEU A 132 -15.06 8.13 29.66
C LEU A 132 -13.86 7.39 29.07
N ILE A 133 -14.09 6.43 28.16
CA ILE A 133 -12.95 5.74 27.57
C ILE A 133 -12.30 6.56 26.46
N ILE A 134 -13.01 7.55 25.91
CA ILE A 134 -12.35 8.51 25.03
C ILE A 134 -11.41 9.38 25.84
N SER A 135 -11.84 9.77 27.05
CA SER A 135 -10.99 10.52 27.96
C SER A 135 -9.75 9.72 28.37
N PHE A 136 -9.94 8.43 28.68
CA PHE A 136 -8.81 7.58 29.05
C PHE A 136 -7.84 7.37 27.89
N ASP A 137 -8.37 7.16 26.67
CA ASP A 137 -7.52 6.97 25.50
C ASP A 137 -6.72 8.23 25.19
N ARG A 138 -7.35 9.40 25.28
CA ARG A 138 -6.65 10.66 25.04
C ARG A 138 -5.60 10.93 26.13
N TYR A 139 -5.93 10.60 27.38
CA TYR A 139 -4.98 10.75 28.49
C TYR A 139 -3.73 9.92 28.27
N PHE A 140 -3.92 8.63 27.96
CA PHE A 140 -2.77 7.76 27.72
C PHE A 140 -1.99 8.16 26.47
N CYS A 141 -2.68 8.65 25.43
CA CYS A 141 -1.98 9.11 24.23
C CYS A 141 -1.09 10.32 24.50
N VAL A 142 -1.61 11.32 25.21
CA VAL A 142 -0.80 12.51 25.50
C VAL A 142 0.30 12.22 26.53
N THR A 143 -0.04 11.54 27.62
CA THR A 143 0.93 11.32 28.70
C THR A 143 2.04 10.36 28.30
N LYS A 144 1.72 9.31 27.54
CA LYS A 144 2.70 8.32 27.10
C LYS A 144 2.67 8.22 25.59
N PRO A 145 3.21 9.23 24.89
CA PRO A 145 3.14 9.23 23.42
C PRO A 145 4.01 8.17 22.76
N LEU A 146 5.02 7.64 23.45
CA LEU A 146 5.99 6.75 22.83
C LEU A 146 5.72 5.28 23.10
N THR A 147 4.92 4.96 24.10
CA THR A 147 4.66 3.56 24.47
C THR A 147 3.21 3.14 24.30
N TYR A 148 2.26 4.02 24.60
CA TYR A 148 0.84 3.66 24.55
C TYR A 148 0.30 3.42 23.14
N PRO A 149 0.58 4.23 22.10
CA PRO A 149 0.12 3.83 20.75
C PRO A 149 0.83 2.61 20.19
N ALA A 150 1.93 2.16 20.80
CA ALA A 150 2.56 0.91 20.40
C ALA A 150 1.79 -0.30 20.93
N ARG A 151 1.17 -0.18 22.09
CA ARG A 151 0.41 -1.27 22.70
C ARG A 151 -1.09 -1.09 22.59
N ARG A 152 -1.56 -0.14 21.78
CA ARG A 152 -2.98 0.07 21.55
C ARG A 152 -3.34 -0.52 20.20
N THR A 153 -4.15 -1.58 20.20
CA THR A 153 -4.55 -2.29 19.01
C THR A 153 -6.02 -1.98 18.71
N THR A 154 -6.54 -2.64 17.68
CA THR A 154 -7.99 -2.67 17.46
C THR A 154 -8.65 -3.68 18.39
N LYS A 155 -7.88 -4.64 18.90
CA LYS A 155 -8.41 -5.60 19.86
C LYS A 155 -8.65 -4.96 21.21
N MET A 156 -7.80 -4.02 21.62
CA MET A 156 -8.03 -3.31 22.88
C MET A 156 -9.15 -2.29 22.77
N ALA A 157 -9.31 -1.67 21.60
CA ALA A 157 -10.44 -0.76 21.38
C ALA A 157 -11.76 -1.51 21.41
N GLY A 158 -11.82 -2.67 20.74
CA GLY A 158 -13.00 -3.51 20.81
C GLY A 158 -13.27 -4.04 22.20
N LEU A 159 -12.20 -4.40 22.93
CA LEU A 159 -12.36 -4.88 24.30
C LEU A 159 -12.91 -3.80 25.22
N MET A 160 -12.44 -2.56 25.08
CA MET A 160 -12.95 -1.50 25.95
C MET A 160 -14.36 -1.05 25.55
N ILE A 161 -14.69 -1.08 24.26
CA ILE A 161 -16.06 -0.77 23.83
C ILE A 161 -17.03 -1.83 24.33
N ALA A 162 -16.66 -3.11 24.16
CA ALA A 162 -17.46 -4.22 24.67
C ALA A 162 -17.63 -4.16 26.18
N ALA A 163 -16.54 -3.87 26.91
CA ALA A 163 -16.60 -3.74 28.36
C ALA A 163 -17.51 -2.59 28.79
N ALA A 164 -17.49 -1.48 28.05
CA ALA A 164 -18.35 -0.34 28.37
C ALA A 164 -19.83 -0.68 28.16
N TRP A 165 -20.16 -1.28 27.01
CA TRP A 165 -21.55 -1.66 26.75
C TRP A 165 -22.06 -2.73 27.71
N VAL A 166 -21.24 -3.75 28.01
CA VAL A 166 -21.64 -4.78 28.96
C VAL A 166 -21.80 -4.21 30.37
N LEU A 167 -20.93 -3.28 30.78
CA LEU A 167 -21.04 -2.69 32.10
C LEU A 167 -22.27 -1.80 32.22
N SER A 168 -22.62 -1.07 31.15
CA SER A 168 -23.85 -0.29 31.16
C SER A 168 -25.08 -1.19 31.19
N PHE A 169 -25.05 -2.27 30.39
CA PHE A 169 -26.15 -3.22 30.33
C PHE A 169 -26.43 -3.86 31.69
N VAL A 170 -25.40 -4.40 32.34
CA VAL A 170 -25.62 -4.99 33.66
C VAL A 170 -25.82 -3.96 34.76
N LEU A 171 -25.41 -2.70 34.55
CA LEU A 171 -25.73 -1.69 35.55
C LEU A 171 -27.21 -1.33 35.53
N TRP A 172 -27.81 -1.19 34.35
CA TRP A 172 -29.18 -0.69 34.27
C TRP A 172 -30.24 -1.74 33.94
N ALA A 173 -30.07 -2.52 32.87
CA ALA A 173 -31.15 -3.38 32.35
C ALA A 173 -31.73 -4.42 33.32
N PRO A 174 -30.96 -5.21 34.09
CA PRO A 174 -31.63 -6.16 35.00
C PRO A 174 -32.40 -5.49 36.13
N ALA A 175 -31.89 -4.37 36.67
CA ALA A 175 -32.57 -3.75 37.80
C ALA A 175 -33.90 -3.13 37.36
N ILE A 176 -33.96 -2.65 36.12
CA ILE A 176 -35.16 -1.98 35.65
C ILE A 176 -36.20 -3.00 35.19
N LEU A 177 -35.75 -4.03 34.44
CA LEU A 177 -36.69 -5.07 34.02
C LEU A 177 -37.20 -5.90 35.20
N PHE A 178 -36.37 -6.21 36.18
CA PHE A 178 -36.74 -7.15 37.22
C PHE A 178 -37.10 -6.54 38.58
N TRP A 179 -36.99 -5.20 38.77
CA TRP A 179 -37.30 -4.58 40.07
C TRP A 179 -38.71 -4.88 40.55
N GLN A 180 -39.69 -4.94 39.64
CA GLN A 180 -41.05 -5.25 40.06
C GLN A 180 -41.19 -6.70 40.49
N PHE A 181 -40.40 -7.61 39.90
CA PHE A 181 -40.41 -9.00 40.31
C PHE A 181 -39.71 -9.20 41.65
N VAL A 182 -38.59 -8.48 41.87
CA VAL A 182 -37.80 -8.60 43.10
C VAL A 182 -38.64 -8.26 44.34
N VAL A 183 -39.42 -7.17 44.29
CA VAL A 183 -40.32 -6.87 45.38
C VAL A 183 -41.68 -7.53 45.22
N GLY A 184 -41.92 -8.20 44.08
CA GLY A 184 -43.15 -8.91 43.88
C GLY A 184 -44.31 -8.11 43.31
N LYS A 185 -44.25 -6.78 43.32
CA LYS A 185 -45.35 -5.97 42.83
C LYS A 185 -44.84 -4.72 42.13
N ARG A 186 -45.65 -4.22 41.20
CA ARG A 186 -45.38 -3.01 40.46
C ARG A 186 -46.09 -1.86 41.17
N THR A 187 -45.31 -0.94 41.74
CA THR A 187 -45.88 0.25 42.39
C THR A 187 -45.89 1.46 41.47
N VAL A 188 -45.36 1.34 40.27
CA VAL A 188 -45.41 2.46 39.31
C VAL A 188 -46.85 2.56 38.78
N PRO A 189 -47.41 3.77 38.69
CA PRO A 189 -48.75 3.92 38.10
C PRO A 189 -48.78 3.50 36.64
N ASP A 190 -49.95 3.01 36.22
CA ASP A 190 -50.13 2.55 34.85
C ASP A 190 -50.00 3.72 33.86
N ASN A 191 -50.52 4.89 34.26
CA ASN A 191 -50.49 6.08 33.41
C ASN A 191 -49.07 6.56 33.17
N GLN A 192 -48.32 6.82 34.24
CA GLN A 192 -46.95 7.32 34.13
C GLN A 192 -45.99 6.20 33.78
N CYS A 193 -44.84 6.58 33.21
CA CYS A 193 -43.79 5.64 32.82
C CYS A 193 -42.44 6.09 33.37
N PHE A 194 -42.03 5.52 34.51
CA PHE A 194 -40.75 5.85 35.10
C PHE A 194 -40.21 4.65 35.85
N ILE A 195 -39.02 4.82 36.42
CA ILE A 195 -38.32 3.75 37.13
C ILE A 195 -38.83 3.62 38.56
N GLN A 196 -39.12 2.37 38.97
CA GLN A 196 -39.64 2.10 40.30
C GLN A 196 -38.61 2.42 41.39
N PHE A 197 -37.36 1.95 41.23
CA PHE A 197 -36.37 2.14 42.29
C PHE A 197 -35.87 3.58 42.45
N LEU A 198 -36.35 4.54 41.66
CA LEU A 198 -35.95 5.94 41.85
C LEU A 198 -36.43 6.51 43.18
N SER A 199 -37.44 5.89 43.80
CA SER A 199 -37.88 6.32 45.12
C SER A 199 -37.02 5.73 46.24
N ASN A 200 -36.37 4.60 45.99
CA ASN A 200 -35.50 4.00 47.00
C ASN A 200 -34.19 4.80 47.03
N PRO A 201 -33.80 5.37 48.18
CA PRO A 201 -32.61 6.24 48.20
C PRO A 201 -31.28 5.55 47.94
N ALA A 202 -31.04 4.38 48.53
CA ALA A 202 -29.75 3.71 48.43
C ALA A 202 -29.40 3.34 46.98
N VAL A 203 -30.36 2.75 46.26
CA VAL A 203 -30.11 2.35 44.88
C VAL A 203 -30.01 3.58 43.98
N THR A 204 -30.78 4.63 44.31
CA THR A 204 -30.72 5.89 43.58
C THR A 204 -29.34 6.53 43.66
N PHE A 205 -28.82 6.66 44.88
CA PHE A 205 -27.48 7.22 45.06
C PHE A 205 -26.40 6.33 44.44
N GLY A 206 -26.54 5.00 44.56
CA GLY A 206 -25.56 4.10 43.95
C GLY A 206 -25.50 4.22 42.44
N THR A 207 -26.68 4.25 41.79
CA THR A 207 -26.76 4.41 40.35
C THR A 207 -26.26 5.78 39.90
N ALA A 208 -26.63 6.84 40.63
CA ALA A 208 -26.17 8.18 40.28
C ALA A 208 -24.66 8.32 40.40
N ILE A 209 -24.08 7.78 41.48
CA ILE A 209 -22.63 7.87 41.68
C ILE A 209 -21.89 7.05 40.63
N ALA A 210 -22.32 5.81 40.39
CA ALA A 210 -21.64 4.94 39.43
C ALA A 210 -21.81 5.42 37.99
N ALA A 211 -23.03 5.80 37.63
CA ALA A 211 -23.32 6.20 36.25
C ALA A 211 -22.73 7.55 35.87
N PHE A 212 -22.85 8.56 36.74
CA PHE A 212 -22.47 9.91 36.31
C PHE A 212 -21.39 10.57 37.13
N TYR A 213 -21.53 10.64 38.47
CA TYR A 213 -20.61 11.43 39.29
C TYR A 213 -19.18 10.90 39.28
N LEU A 214 -19.01 9.58 39.37
CA LEU A 214 -17.66 9.03 39.26
C LEU A 214 -17.07 9.19 37.86
N PRO A 215 -17.78 8.88 36.75
CA PRO A 215 -17.17 9.18 35.44
C PRO A 215 -16.96 10.66 35.18
N VAL A 216 -17.79 11.55 35.72
CA VAL A 216 -17.54 12.98 35.43
C VAL A 216 -16.34 13.48 36.22
N VAL A 217 -16.09 12.96 37.43
CA VAL A 217 -14.90 13.46 38.12
C VAL A 217 -13.62 12.80 37.55
N ILE A 218 -13.71 11.55 37.05
CA ILE A 218 -12.58 10.95 36.38
C ILE A 218 -12.28 11.69 35.07
N MET A 219 -13.32 12.05 34.31
CA MET A 219 -13.14 12.81 33.08
C MET A 219 -12.56 14.20 33.35
N THR A 220 -13.01 14.87 34.42
CA THR A 220 -12.49 16.18 34.75
C THR A 220 -11.01 16.12 35.12
N VAL A 221 -10.62 15.14 35.95
CA VAL A 221 -9.22 14.99 36.35
C VAL A 221 -8.34 14.63 35.14
N LEU A 222 -8.79 13.68 34.32
CA LEU A 222 -8.00 13.25 33.17
C LEU A 222 -7.87 14.36 32.13
N TYR A 223 -8.94 15.11 31.86
CA TYR A 223 -8.84 16.17 30.86
C TYR A 223 -8.01 17.35 31.37
N ILE A 224 -8.08 17.64 32.68
CA ILE A 224 -7.18 18.65 33.26
C ILE A 224 -5.73 18.24 33.09
N HIS A 225 -5.42 16.96 33.33
CA HIS A 225 -4.06 16.47 33.13
C HIS A 225 -3.67 16.45 31.64
N ILE A 226 -4.65 16.31 30.75
CA ILE A 226 -4.38 16.41 29.31
C ILE A 226 -4.01 17.84 28.94
N SER A 227 -4.73 18.81 29.52
CA SER A 227 -4.42 20.22 29.32
C SER A 227 -3.02 20.57 29.81
N LEU A 228 -2.67 20.12 31.01
CA LEU A 228 -1.33 20.38 31.54
C LEU A 228 -0.24 19.68 30.74
N ALA A 229 -0.47 18.42 30.37
CA ALA A 229 0.51 17.64 29.60
C ALA A 229 0.74 18.20 28.19
N SER A 230 -0.30 18.79 27.60
CA SER A 230 -0.22 19.32 26.23
C SER A 230 0.81 20.43 26.07
N ARG A 231 1.08 21.18 27.14
CA ARG A 231 2.05 22.28 27.12
C ARG A 231 3.44 21.81 26.70
N SER A 232 4.04 22.55 25.77
CA SER A 232 5.34 22.20 25.17
C SER A 232 6.45 22.49 26.18
N ARG A 233 6.96 21.43 26.81
CA ARG A 233 8.10 21.57 27.70
C ARG A 233 9.35 22.02 26.95
N VAL A 234 9.58 21.47 25.77
CA VAL A 234 10.73 21.85 24.95
C VAL A 234 10.51 23.22 24.32
N ALA A 254 1.38 29.66 24.67
CA ALA A 254 1.43 28.89 23.42
C ALA A 254 0.05 28.83 22.77
N ALA A 255 0.02 28.76 21.44
CA ALA A 255 -1.25 28.67 20.74
C ALA A 255 -1.85 27.28 20.86
N ARG A 256 -1.01 26.25 20.86
CA ARG A 256 -1.47 24.87 20.97
C ARG A 256 -2.13 24.61 22.31
N GLU A 257 -1.48 25.03 23.39
CA GLU A 257 -2.02 24.84 24.75
C GLU A 257 -3.35 25.56 24.94
N ARG A 258 -3.42 26.83 24.51
CA ARG A 258 -4.67 27.59 24.64
C ARG A 258 -5.78 27.01 23.78
N LYS A 259 -5.46 26.53 22.57
CA LYS A 259 -6.47 25.95 21.69
C LYS A 259 -7.02 24.65 22.28
N VAL A 260 -6.13 23.77 22.76
CA VAL A 260 -6.63 22.54 23.34
C VAL A 260 -7.33 22.81 24.66
N THR A 261 -6.94 23.85 25.41
CA THR A 261 -7.65 24.19 26.64
C THR A 261 -9.06 24.69 26.34
N ARG A 262 -9.22 25.38 25.22
CA ARG A 262 -10.55 25.82 24.79
C ARG A 262 -11.41 24.62 24.46
N THR A 263 -10.87 23.67 23.68
CA THR A 263 -11.66 22.49 23.30
C THR A 263 -11.99 21.60 24.51
N ILE A 264 -11.07 21.53 25.49
CA ILE A 264 -11.31 20.77 26.72
C ILE A 264 -12.45 21.41 27.51
N PHE A 265 -12.38 22.73 27.70
CA PHE A 265 -13.42 23.44 28.45
C PHE A 265 -14.76 23.36 27.75
N ALA A 266 -14.75 23.40 26.40
CA ALA A 266 -15.98 23.28 25.63
C ALA A 266 -16.66 21.93 25.84
N ILE A 267 -15.93 20.82 25.68
CA ILE A 267 -16.59 19.52 25.83
C ILE A 267 -16.93 19.22 27.29
N LEU A 268 -16.15 19.73 28.25
CA LEU A 268 -16.46 19.50 29.66
C LEU A 268 -17.68 20.30 30.09
N LEU A 269 -17.78 21.55 29.64
CA LEU A 269 -18.94 22.38 29.96
C LEU A 269 -20.20 21.86 29.27
N ALA A 270 -20.05 21.30 28.06
CA ALA A 270 -21.18 20.68 27.39
C ALA A 270 -21.71 19.48 28.17
N PHE A 271 -20.80 18.59 28.60
CA PHE A 271 -21.20 17.40 29.36
C PHE A 271 -21.83 17.78 30.69
N ILE A 272 -21.26 18.78 31.37
CA ILE A 272 -21.79 19.20 32.67
C ILE A 272 -23.18 19.81 32.52
N LEU A 273 -23.31 20.83 31.65
CA LEU A 273 -24.58 21.53 31.50
C LEU A 273 -25.66 20.70 30.84
N THR A 274 -25.32 19.58 30.21
CA THR A 274 -26.41 18.72 29.77
C THR A 274 -26.76 17.64 30.80
N TRP A 275 -25.80 16.86 31.26
CA TRP A 275 -26.15 15.71 32.11
C TRP A 275 -26.40 16.05 33.57
N THR A 276 -26.00 17.23 34.06
CA THR A 276 -26.13 17.51 35.50
C THR A 276 -27.58 17.72 35.99
N PRO A 277 -28.46 18.53 35.33
CA PRO A 277 -29.80 18.78 35.93
C PRO A 277 -30.66 17.54 36.12
N TYR A 278 -30.44 16.50 35.33
CA TYR A 278 -31.20 15.28 35.51
C TYR A 278 -30.75 14.53 36.75
N ASN A 279 -29.43 14.45 36.97
CA ASN A 279 -28.93 13.75 38.13
C ASN A 279 -29.26 14.50 39.42
N VAL A 280 -29.27 15.84 39.38
CA VAL A 280 -29.61 16.55 40.61
C VAL A 280 -31.12 16.44 40.88
N MET A 281 -31.95 16.33 39.83
CA MET A 281 -33.37 16.05 40.07
C MET A 281 -33.59 14.62 40.57
N VAL A 282 -32.79 13.68 40.08
CA VAL A 282 -32.83 12.31 40.57
C VAL A 282 -32.50 12.26 42.07
N LEU A 283 -31.44 12.97 42.48
CA LEU A 283 -31.05 12.99 43.89
C LEU A 283 -32.09 13.69 44.77
N VAL A 284 -32.70 14.79 44.30
CA VAL A 284 -33.66 15.45 45.19
C VAL A 284 -35.03 14.75 45.18
N ASN A 285 -35.38 14.06 44.08
CA ASN A 285 -36.69 13.42 43.95
C ASN A 285 -36.88 12.27 44.94
N THR A 286 -35.82 11.50 45.21
CA THR A 286 -35.95 10.34 46.08
C THR A 286 -36.37 10.70 47.51
N PHE A 287 -35.85 11.81 48.05
CA PHE A 287 -36.28 12.24 49.38
C PHE A 287 -37.70 12.82 49.36
N CYS A 288 -38.02 13.66 48.38
CA CYS A 288 -39.34 14.29 48.27
C CYS A 288 -39.94 14.01 46.90
N GLN A 289 -40.97 13.16 46.87
CA GLN A 289 -41.72 12.88 45.65
C GLN A 289 -42.40 14.12 45.08
N SER A 290 -43.17 14.83 45.91
CA SER A 290 -43.98 15.99 45.52
C SER A 290 -43.20 17.18 44.93
N CYS A 291 -41.91 17.32 45.25
CA CYS A 291 -41.16 18.53 44.92
C CYS A 291 -41.09 18.85 43.43
N ILE A 292 -40.72 17.89 42.58
CA ILE A 292 -40.42 18.16 41.18
C ILE A 292 -41.68 17.99 40.33
N PRO A 293 -42.13 19.03 39.64
CA PRO A 293 -43.22 18.87 38.67
C PRO A 293 -42.69 18.21 37.40
N ASP A 294 -43.64 17.69 36.60
CA ASP A 294 -43.30 16.97 35.38
C ASP A 294 -42.67 17.86 34.30
N THR A 295 -42.95 19.16 34.34
CA THR A 295 -42.37 20.12 33.39
C THR A 295 -40.84 20.15 33.48
N VAL A 296 -40.33 20.36 34.70
CA VAL A 296 -38.90 20.29 34.99
C VAL A 296 -38.32 18.97 34.50
N TRP A 297 -39.03 17.86 34.79
CA TRP A 297 -38.58 16.52 34.40
C TRP A 297 -38.40 16.41 32.89
N SER A 298 -39.34 17.01 32.13
CA SER A 298 -39.24 17.04 30.68
C SER A 298 -38.04 17.85 30.23
N ILE A 299 -37.79 18.98 30.88
CA ILE A 299 -36.67 19.85 30.51
C ILE A 299 -35.35 19.12 30.72
N GLY A 300 -35.23 18.42 31.86
CA GLY A 300 -34.04 17.62 32.15
C GLY A 300 -33.82 16.51 31.13
N TYR A 301 -34.89 15.80 30.77
CA TYR A 301 -34.78 14.70 29.81
C TYR A 301 -34.33 15.23 28.47
N TRP A 302 -34.86 16.39 28.07
CA TRP A 302 -34.50 16.98 26.79
C TRP A 302 -33.04 17.45 26.79
N LEU A 303 -32.55 17.97 27.92
CA LEU A 303 -31.13 18.32 28.02
C LEU A 303 -30.24 17.09 27.84
N CYS A 304 -30.61 15.96 28.46
CA CYS A 304 -29.85 14.72 28.22
C CYS A 304 -29.90 14.32 26.76
N TYR A 305 -31.03 14.55 26.10
CA TYR A 305 -31.15 14.21 24.68
C TYR A 305 -30.30 15.15 23.81
N VAL A 306 -30.30 16.45 24.13
CA VAL A 306 -29.55 17.41 23.32
C VAL A 306 -28.06 17.18 23.46
N ASN A 307 -27.61 16.52 24.54
CA ASN A 307 -26.20 16.14 24.61
C ASN A 307 -25.81 15.20 23.46
N SER A 308 -26.67 14.20 23.20
CA SER A 308 -26.48 13.33 22.05
C SER A 308 -26.63 14.09 20.74
N THR A 309 -27.52 15.08 20.72
CA THR A 309 -27.65 15.95 19.55
C THR A 309 -26.35 16.69 19.25
N ILE A 310 -25.74 17.33 20.25
CA ILE A 310 -24.58 18.19 20.01
C ILE A 310 -23.26 17.44 20.23
N ASN A 311 -23.30 16.11 20.31
CA ASN A 311 -22.05 15.35 20.36
C ASN A 311 -21.17 15.52 19.11
N PRO A 312 -21.67 15.51 17.86
CA PRO A 312 -20.77 15.86 16.75
C PRO A 312 -20.25 17.28 16.82
N ALA A 313 -21.09 18.24 17.24
CA ALA A 313 -20.72 19.65 17.31
C ALA A 313 -19.50 19.88 18.19
N CYS A 314 -19.39 19.15 19.31
CA CYS A 314 -18.27 19.31 20.22
C CYS A 314 -17.08 18.43 19.85
N TYR A 315 -17.30 17.20 19.38
CA TYR A 315 -16.21 16.29 19.07
C TYR A 315 -15.78 16.29 17.60
N ALA A 316 -16.72 16.11 16.68
CA ALA A 316 -16.39 15.95 15.26
C ALA A 316 -15.85 17.22 14.62
N LEU A 317 -16.45 18.39 14.91
CA LEU A 317 -16.04 19.63 14.26
C LEU A 317 -14.62 20.04 14.60
N CYS A 318 -14.19 19.83 15.86
CA CYS A 318 -12.82 20.11 16.29
C CYS A 318 -11.75 19.43 15.42
N ASN A 319 -12.05 18.26 14.88
CA ASN A 319 -11.14 17.59 13.95
C ASN A 319 -11.55 18.02 12.54
N ALA A 320 -10.70 18.84 11.92
CA ALA A 320 -11.02 19.54 10.67
C ALA A 320 -11.32 18.61 9.50
N THR A 321 -10.92 17.33 9.57
CA THR A 321 -11.21 16.40 8.49
C THR A 321 -12.71 16.13 8.40
N PHE A 322 -13.38 15.99 9.55
CA PHE A 322 -14.83 15.80 9.59
C PHE A 322 -15.57 17.05 9.13
N LYS A 323 -15.00 18.23 9.39
CA LYS A 323 -15.63 19.48 8.96
C LYS A 323 -15.67 19.60 7.44
N LYS A 324 -14.60 19.16 6.76
CA LYS A 324 -14.60 19.15 5.31
C LYS A 324 -15.53 18.08 4.76
N THR A 325 -15.47 16.87 5.32
CA THR A 325 -16.24 15.69 4.91
C THR A 325 -17.76 15.85 5.18
N PHE A 326 -18.20 16.96 5.76
CA PHE A 326 -19.61 17.19 6.01
C PHE A 326 -20.20 18.05 4.89
N SER B 11 37.66 32.60 -31.37
CA SER B 11 36.20 32.56 -31.33
C SER B 11 35.67 31.27 -31.92
N GLU B 12 36.39 30.17 -31.68
CA GLU B 12 35.97 28.85 -32.14
C GLU B 12 34.66 28.42 -31.50
N LEU B 13 34.49 28.73 -30.21
CA LEU B 13 33.26 28.42 -29.49
C LEU B 13 32.06 29.13 -30.10
N ASP B 14 32.20 30.44 -30.38
CA ASP B 14 31.10 31.22 -30.95
C ASP B 14 30.76 30.77 -32.37
N GLN B 15 31.78 30.41 -33.16
CA GLN B 15 31.55 29.95 -34.53
C GLN B 15 30.77 28.64 -34.55
N LEU B 16 31.05 27.74 -33.61
CA LEU B 16 30.30 26.50 -33.54
C LEU B 16 28.90 26.75 -33.00
N ARG B 17 28.72 27.80 -32.19
CA ARG B 17 27.38 28.18 -31.76
C ARG B 17 26.54 28.70 -32.93
N GLN B 18 27.16 29.48 -33.82
CA GLN B 18 26.45 29.94 -35.01
C GLN B 18 26.14 28.78 -35.95
N GLU B 19 27.08 27.84 -36.12
CA GLU B 19 26.82 26.67 -36.93
C GLU B 19 25.71 25.80 -36.34
N ALA B 20 25.67 25.67 -35.01
CA ALA B 20 24.60 24.96 -34.33
C ALA B 20 23.25 25.62 -34.54
N GLU B 21 23.20 26.95 -34.42
CA GLU B 21 21.96 27.70 -34.68
C GLU B 21 21.50 27.54 -36.12
N GLN B 22 22.46 27.56 -37.07
CA GLN B 22 22.13 27.33 -38.48
C GLN B 22 21.57 25.93 -38.70
N LEU B 23 22.15 24.92 -38.05
CA LEU B 23 21.62 23.57 -38.15
C LEU B 23 20.22 23.45 -37.55
N LYS B 24 19.98 24.12 -36.41
CA LYS B 24 18.64 24.13 -35.82
C LYS B 24 17.63 24.80 -36.74
N ASN B 25 18.02 25.90 -37.38
CA ASN B 25 17.15 26.56 -38.35
C ASN B 25 16.86 25.66 -39.55
N GLN B 26 17.88 24.90 -39.99
CA GLN B 26 17.70 23.96 -41.10
C GLN B 26 16.72 22.84 -40.73
N ILE B 27 16.85 22.31 -39.51
CA ILE B 27 15.92 21.28 -39.04
C ILE B 27 14.50 21.83 -38.93
N ARG B 28 14.37 23.05 -38.40
CA ARG B 28 13.05 23.69 -38.29
C ARG B 28 12.41 23.93 -39.66
N ASP B 29 13.19 24.37 -40.63
CA ASP B 29 12.68 24.58 -41.98
C ASP B 29 12.30 23.27 -42.65
N ALA B 30 13.12 22.23 -42.48
CA ALA B 30 12.78 20.91 -43.02
C ALA B 30 11.55 20.31 -42.35
N ARG B 31 11.30 20.63 -41.09
CA ARG B 31 10.08 20.17 -40.44
C ARG B 31 8.86 20.92 -40.94
N LYS B 32 8.98 22.22 -41.16
CA LYS B 32 7.86 22.97 -41.73
C LYS B 32 7.61 22.63 -43.19
N ALA B 33 8.63 22.16 -43.91
CA ALA B 33 8.45 21.78 -45.31
C ALA B 33 7.51 20.58 -45.46
N CYS B 34 7.62 19.60 -44.57
CA CYS B 34 6.85 18.36 -44.66
C CYS B 34 5.58 18.37 -43.83
N ALA B 35 4.99 19.55 -43.61
CA ALA B 35 3.77 19.67 -42.79
C ALA B 35 2.71 20.40 -43.61
N ASP B 36 2.19 19.72 -44.64
CA ASP B 36 1.15 20.29 -45.48
C ASP B 36 -0.16 20.48 -44.74
N ALA B 37 -0.55 19.49 -43.93
CA ALA B 37 -1.80 19.52 -43.19
C ALA B 37 -1.54 19.08 -41.76
N THR B 38 -2.55 19.26 -40.90
CA THR B 38 -2.50 18.78 -39.53
C THR B 38 -3.21 17.43 -39.40
N LEU B 39 -3.08 16.83 -38.21
CA LEU B 39 -3.81 15.61 -37.91
C LEU B 39 -5.29 15.88 -37.74
N SER B 40 -5.65 17.06 -37.22
CA SER B 40 -7.06 17.41 -37.03
C SER B 40 -7.78 17.61 -38.36
N GLN B 41 -7.07 18.08 -39.39
CA GLN B 41 -7.69 18.28 -40.69
C GLN B 41 -7.99 16.98 -41.41
N ILE B 42 -7.27 15.91 -41.08
CA ILE B 42 -7.48 14.63 -41.73
C ILE B 42 -8.53 13.78 -41.01
N THR B 43 -8.48 13.76 -39.67
CA THR B 43 -9.44 13.01 -38.88
C THR B 43 -10.66 13.84 -38.50
N ASN B 44 -11.01 14.84 -39.31
CA ASN B 44 -12.23 15.62 -39.10
C ASN B 44 -13.48 14.90 -39.57
N ASN B 45 -13.34 13.85 -40.37
CA ASN B 45 -14.48 13.16 -40.95
C ASN B 45 -14.79 11.83 -40.28
N ILE B 46 -13.86 11.27 -39.51
CA ILE B 46 -14.12 10.03 -38.80
C ILE B 46 -15.03 10.30 -37.62
N ASP B 47 -15.79 9.28 -37.23
CA ASP B 47 -16.75 9.45 -36.16
C ASP B 47 -16.05 9.50 -34.80
N PRO B 48 -16.57 10.28 -33.86
CA PRO B 48 -16.01 10.27 -32.50
C PRO B 48 -16.29 8.95 -31.81
N VAL B 49 -15.45 8.65 -30.80
CA VAL B 49 -15.58 7.40 -30.06
C VAL B 49 -16.74 7.41 -29.08
N GLY B 50 -17.41 8.54 -28.90
CA GLY B 50 -18.54 8.61 -27.99
C GLY B 50 -18.11 8.98 -26.59
N ARG B 51 -18.72 8.35 -25.60
CA ARG B 51 -18.37 8.56 -24.20
C ARG B 51 -17.91 7.24 -23.62
N ILE B 52 -16.77 7.26 -22.94
CA ILE B 52 -16.16 6.06 -22.39
C ILE B 52 -16.42 6.06 -20.89
N GLN B 53 -17.25 5.13 -20.45
CA GLN B 53 -17.58 4.97 -19.03
C GLN B 53 -16.93 3.69 -18.54
N MET B 54 -15.86 3.84 -17.77
CA MET B 54 -15.12 2.71 -17.22
C MET B 54 -15.34 2.65 -15.72
N ARG B 55 -15.76 1.49 -15.23
CA ARG B 55 -16.05 1.28 -13.83
C ARG B 55 -14.91 0.54 -13.14
N THR B 56 -14.74 0.82 -11.86
CA THR B 56 -13.74 0.15 -11.03
C THR B 56 -14.16 -1.28 -10.75
N ARG B 57 -13.59 -2.23 -11.48
CA ARG B 57 -13.91 -3.63 -11.27
C ARG B 57 -13.24 -4.17 -10.02
N ARG B 58 -11.93 -3.93 -9.87
CA ARG B 58 -11.17 -4.42 -8.73
C ARG B 58 -10.48 -3.27 -8.04
N THR B 59 -10.28 -3.42 -6.73
CA THR B 59 -9.50 -2.49 -5.93
C THR B 59 -8.47 -3.29 -5.16
N LEU B 60 -7.19 -3.10 -5.50
CA LEU B 60 -6.11 -3.81 -4.83
C LEU B 60 -5.68 -3.04 -3.59
N ARG B 61 -5.85 -3.67 -2.42
CA ARG B 61 -5.55 -3.05 -1.14
C ARG B 61 -4.44 -3.84 -0.46
N GLY B 62 -3.61 -3.15 0.31
CA GLY B 62 -2.49 -3.80 0.95
C GLY B 62 -1.26 -2.92 1.11
N HIS B 63 -1.01 -2.06 0.13
CA HIS B 63 0.08 -1.09 0.26
C HIS B 63 -0.26 -0.08 1.35
N LEU B 64 0.72 0.24 2.19
CA LEU B 64 0.50 1.13 3.31
C LEU B 64 1.11 2.52 3.13
N ALA B 65 1.74 2.79 1.99
CA ALA B 65 2.30 4.10 1.71
C ALA B 65 1.93 4.46 0.27
N LYS B 66 2.50 5.55 -0.23
CA LYS B 66 2.21 5.98 -1.60
C LYS B 66 2.75 4.96 -2.59
N ILE B 67 1.99 4.71 -3.64
CA ILE B 67 2.42 3.81 -4.70
C ILE B 67 3.05 4.65 -5.79
N TYR B 68 4.30 4.33 -6.13
CA TYR B 68 5.00 5.14 -7.13
C TYR B 68 4.98 4.54 -8.52
N ALA B 69 4.87 3.22 -8.65
CA ALA B 69 4.95 2.63 -9.98
C ALA B 69 4.18 1.32 -10.01
N MET B 70 3.82 0.93 -11.23
CA MET B 70 3.18 -0.35 -11.47
C MET B 70 3.55 -0.78 -12.88
N HIS B 71 3.65 -2.08 -13.09
CA HIS B 71 3.85 -2.60 -14.43
C HIS B 71 3.07 -3.89 -14.59
N TRP B 72 2.42 -4.04 -15.74
CA TRP B 72 1.68 -5.25 -16.06
C TRP B 72 2.61 -6.30 -16.62
N GLY B 73 2.22 -7.56 -16.46
CA GLY B 73 2.97 -8.64 -17.06
C GLY B 73 2.44 -8.94 -18.44
N THR B 74 3.20 -9.75 -19.20
CA THR B 74 2.77 -10.14 -20.54
C THR B 74 1.49 -10.97 -20.50
N ASP B 75 1.36 -11.83 -19.47
CA ASP B 75 0.17 -12.66 -19.32
C ASP B 75 -1.08 -11.81 -19.15
N SER B 76 -0.94 -10.64 -18.48
CA SER B 76 -1.96 -9.61 -18.20
C SER B 76 -2.83 -9.98 -17.00
N ARG B 77 -2.49 -11.05 -16.31
CA ARG B 77 -3.17 -11.42 -15.08
C ARG B 77 -2.32 -11.09 -13.86
N LEU B 78 -1.01 -10.85 -14.04
CA LEU B 78 -0.10 -10.58 -12.95
C LEU B 78 0.46 -9.16 -13.10
N LEU B 79 0.44 -8.41 -12.02
CA LEU B 79 1.03 -7.07 -12.04
C LEU B 79 1.92 -6.85 -10.83
N VAL B 80 2.94 -6.02 -10.98
CA VAL B 80 3.84 -5.68 -9.87
C VAL B 80 3.64 -4.21 -9.52
N SER B 81 3.50 -3.92 -8.23
CA SER B 81 3.37 -2.56 -7.73
C SER B 81 4.46 -2.28 -6.71
N ALA B 82 4.93 -1.03 -6.68
CA ALA B 82 5.99 -0.62 -5.77
C ALA B 82 5.50 0.51 -4.88
N SER B 83 5.74 0.41 -3.57
CA SER B 83 5.36 1.51 -2.71
C SER B 83 6.53 1.88 -1.80
N GLN B 84 6.45 3.07 -1.21
CA GLN B 84 7.54 3.60 -0.41
C GLN B 84 7.64 2.96 0.96
N ASP B 85 6.73 2.06 1.33
CA ASP B 85 6.87 1.28 2.55
C ASP B 85 7.96 0.21 2.44
N GLY B 86 8.70 0.15 1.33
CA GLY B 86 9.75 -0.81 1.13
C GLY B 86 9.31 -2.11 0.53
N LYS B 87 8.18 -2.14 -0.18
CA LYS B 87 7.59 -3.41 -0.60
C LYS B 87 7.06 -3.37 -2.03
N LEU B 88 7.61 -4.29 -2.84
CA LEU B 88 7.06 -4.69 -4.12
C LEU B 88 5.99 -5.75 -3.85
N ILE B 89 4.75 -5.52 -4.26
CA ILE B 89 3.74 -6.57 -4.19
C ILE B 89 3.42 -7.01 -5.61
N ILE B 90 3.37 -8.32 -5.81
CA ILE B 90 2.95 -8.92 -7.06
C ILE B 90 1.56 -9.47 -6.85
N TRP B 91 0.60 -8.93 -7.61
CA TRP B 91 -0.81 -9.20 -7.47
C TRP B 91 -1.33 -10.02 -8.63
N ASP B 92 -2.47 -10.65 -8.36
CA ASP B 92 -3.28 -11.38 -9.32
C ASP B 92 -4.51 -10.49 -9.47
N SER B 93 -4.67 -9.92 -10.66
CA SER B 93 -5.75 -8.97 -10.92
C SER B 93 -7.13 -9.63 -10.85
N TYR B 94 -7.26 -10.87 -11.35
CA TYR B 94 -8.58 -11.49 -11.44
C TYR B 94 -9.14 -11.87 -10.08
N THR B 95 -8.29 -12.28 -9.13
CA THR B 95 -8.76 -12.78 -7.85
C THR B 95 -8.41 -11.87 -6.68
N THR B 96 -7.70 -10.76 -6.93
CA THR B 96 -7.21 -9.82 -5.91
C THR B 96 -6.38 -10.52 -4.83
N ASN B 97 -5.58 -11.49 -5.27
CA ASN B 97 -4.73 -12.24 -4.36
C ASN B 97 -3.30 -11.73 -4.50
N LYS B 98 -2.60 -11.71 -3.38
CA LYS B 98 -1.21 -11.27 -3.37
C LYS B 98 -0.35 -12.49 -3.66
N VAL B 99 0.24 -12.54 -4.84
CA VAL B 99 1.09 -13.65 -5.20
C VAL B 99 2.42 -13.55 -4.44
N HIS B 100 3.00 -12.36 -4.42
CA HIS B 100 4.28 -12.19 -3.74
C HIS B 100 4.33 -10.86 -3.01
N ALA B 101 5.10 -10.82 -1.93
CA ALA B 101 5.47 -9.57 -1.27
C ALA B 101 6.97 -9.59 -1.04
N ILE B 102 7.66 -8.65 -1.68
CA ILE B 102 9.12 -8.59 -1.68
C ILE B 102 9.53 -7.37 -0.85
N PRO B 103 10.24 -7.55 0.26
CA PRO B 103 10.78 -6.40 0.99
C PRO B 103 12.01 -5.83 0.31
N LEU B 104 12.07 -4.52 0.21
CA LEU B 104 13.18 -3.84 -0.44
C LEU B 104 14.20 -3.41 0.59
N ARG B 105 15.48 -3.47 0.19
CA ARG B 105 16.56 -3.01 1.06
C ARG B 105 16.48 -1.50 1.25
N SER B 106 16.17 -0.76 0.20
CA SER B 106 15.94 0.67 0.27
C SER B 106 14.47 0.94 0.00
N SER B 107 13.82 1.66 0.91
CA SER B 107 12.39 1.90 0.80
C SER B 107 12.05 3.07 -0.11
N TRP B 108 13.04 3.74 -0.67
CA TRP B 108 12.81 4.90 -1.54
C TRP B 108 12.84 4.43 -2.98
N VAL B 109 11.70 3.92 -3.43
CA VAL B 109 11.56 3.33 -4.75
C VAL B 109 10.72 4.27 -5.61
N MET B 110 11.08 4.38 -6.88
CA MET B 110 10.38 5.23 -7.82
C MET B 110 9.94 4.51 -9.09
N THR B 111 10.41 3.29 -9.32
CA THR B 111 10.05 2.57 -10.53
C THR B 111 10.06 1.08 -10.27
N CYS B 112 9.31 0.36 -11.08
CA CYS B 112 9.32 -1.10 -11.05
C CYS B 112 9.03 -1.61 -12.45
N ALA B 113 9.58 -2.78 -12.75
CA ALA B 113 9.40 -3.40 -14.06
C ALA B 113 9.14 -4.88 -13.88
N TYR B 114 8.38 -5.44 -14.81
CA TYR B 114 8.06 -6.85 -14.84
C TYR B 114 8.67 -7.43 -16.11
N ALA B 115 9.42 -8.52 -15.97
CA ALA B 115 10.08 -9.09 -17.14
C ALA B 115 9.04 -9.72 -18.07
N PRO B 116 9.29 -9.68 -19.38
CA PRO B 116 8.33 -10.29 -20.32
C PRO B 116 8.20 -11.79 -20.17
N SER B 117 9.26 -12.47 -19.72
CA SER B 117 9.15 -13.89 -19.40
C SER B 117 8.40 -14.13 -18.10
N GLY B 118 8.35 -13.14 -17.21
CA GLY B 118 7.71 -13.30 -15.93
C GLY B 118 8.60 -13.80 -14.82
N ASN B 119 9.87 -14.07 -15.11
CA ASN B 119 10.77 -14.68 -14.14
C ASN B 119 11.40 -13.68 -13.19
N TYR B 120 11.46 -12.41 -13.57
CA TYR B 120 12.18 -11.41 -12.79
C TYR B 120 11.32 -10.17 -12.61
N VAL B 121 11.57 -9.45 -11.52
CA VAL B 121 11.11 -8.08 -11.39
C VAL B 121 12.32 -7.19 -11.16
N ALA B 122 12.12 -5.90 -11.38
CA ALA B 122 13.16 -4.91 -11.12
C ALA B 122 12.57 -3.78 -10.30
N CYS B 123 13.44 -3.09 -9.56
CA CYS B 123 13.03 -1.90 -8.84
C CYS B 123 14.24 -1.00 -8.67
N GLY B 124 13.98 0.25 -8.31
CA GLY B 124 15.06 1.20 -8.13
C GLY B 124 14.51 2.52 -7.67
N GLY B 125 15.42 3.40 -7.25
CA GLY B 125 14.99 4.68 -6.74
C GLY B 125 16.13 5.58 -6.28
N LEU B 126 16.01 6.11 -5.07
CA LEU B 126 16.98 7.04 -4.52
C LEU B 126 18.28 6.38 -4.06
N ASP B 127 18.39 5.06 -4.13
CA ASP B 127 19.64 4.38 -3.82
C ASP B 127 20.58 4.27 -5.01
N ASN B 128 20.13 4.74 -6.18
CA ASN B 128 20.88 4.76 -7.44
C ASN B 128 21.28 3.36 -7.88
N ILE B 129 20.42 2.38 -7.62
CA ILE B 129 20.69 0.97 -7.90
C ILE B 129 19.42 0.35 -8.46
N CYS B 130 19.55 -0.39 -9.56
CA CYS B 130 18.46 -1.21 -10.08
C CYS B 130 18.63 -2.62 -9.55
N SER B 131 17.71 -3.04 -8.69
CA SER B 131 17.73 -4.37 -8.13
C SER B 131 16.84 -5.29 -8.97
N ILE B 132 17.40 -6.45 -9.34
CA ILE B 132 16.72 -7.47 -10.12
C ILE B 132 16.46 -8.65 -9.19
N TYR B 133 15.19 -8.99 -9.03
CA TYR B 133 14.73 -10.05 -8.13
C TYR B 133 14.24 -11.23 -8.95
N ASN B 134 14.75 -12.42 -8.61
CA ASN B 134 14.33 -13.66 -9.25
C ASN B 134 13.06 -14.18 -8.58
N LEU B 135 12.04 -14.46 -9.40
CA LEU B 135 10.77 -14.97 -8.88
C LEU B 135 10.70 -16.49 -8.89
N LYS B 136 11.30 -17.13 -9.90
CA LYS B 136 11.22 -18.59 -10.05
C LYS B 136 12.48 -19.21 -9.46
N THR B 137 12.48 -19.32 -8.13
CA THR B 137 13.61 -19.86 -7.39
C THR B 137 13.22 -21.21 -6.79
N ARG B 138 14.18 -22.14 -6.82
CA ARG B 138 13.99 -23.48 -6.26
C ARG B 138 13.67 -23.44 -4.77
N GLU B 139 14.19 -22.45 -4.05
CA GLU B 139 14.02 -22.35 -2.61
C GLU B 139 12.64 -21.84 -2.20
N GLY B 140 11.83 -21.35 -3.14
CA GLY B 140 10.47 -20.97 -2.86
C GLY B 140 10.27 -19.53 -2.45
N ASN B 141 11.33 -18.76 -2.24
CA ASN B 141 11.23 -17.35 -1.91
C ASN B 141 11.72 -16.51 -3.07
N VAL B 142 11.69 -15.19 -2.89
CA VAL B 142 12.17 -14.24 -3.88
C VAL B 142 13.51 -13.70 -3.39
N ARG B 143 14.55 -13.90 -4.18
CA ARG B 143 15.91 -13.48 -3.83
C ARG B 143 16.35 -12.34 -4.72
N VAL B 144 17.24 -11.50 -4.19
CA VAL B 144 17.93 -10.50 -5.00
C VAL B 144 18.87 -11.24 -5.94
N SER B 145 18.60 -11.17 -7.24
CA SER B 145 19.52 -11.80 -8.17
C SER B 145 20.65 -10.89 -8.59
N ARG B 146 20.42 -9.58 -8.66
CA ARG B 146 21.44 -8.64 -9.11
C ARG B 146 21.17 -7.26 -8.54
N GLU B 147 22.25 -6.53 -8.25
CA GLU B 147 22.18 -5.10 -7.99
C GLU B 147 23.05 -4.40 -9.02
N LEU B 148 22.43 -3.53 -9.81
CA LEU B 148 23.12 -2.77 -10.85
C LEU B 148 23.39 -1.38 -10.33
N ALA B 149 24.66 -1.06 -10.13
CA ALA B 149 25.10 0.25 -9.67
C ALA B 149 26.00 0.88 -10.73
N GLY B 150 26.02 2.20 -10.75
CA GLY B 150 26.78 2.92 -11.75
C GLY B 150 26.14 4.23 -12.13
N HIS B 151 24.85 4.37 -11.86
CA HIS B 151 24.18 5.66 -12.00
C HIS B 151 24.55 6.55 -10.82
N THR B 152 24.76 7.83 -11.11
CA THR B 152 25.10 8.81 -10.08
C THR B 152 23.92 9.70 -9.70
N GLY B 153 22.73 9.40 -10.24
CA GLY B 153 21.52 10.09 -9.84
C GLY B 153 20.42 9.07 -9.62
N TYR B 154 19.29 9.55 -9.11
CA TYR B 154 18.17 8.68 -8.77
C TYR B 154 17.65 7.96 -10.01
N LEU B 155 17.28 6.69 -9.85
CA LEU B 155 16.89 5.86 -10.97
C LEU B 155 15.38 5.97 -11.15
N SER B 156 14.95 6.56 -12.26
CA SER B 156 13.58 7.01 -12.43
C SER B 156 12.70 6.03 -13.20
N CYS B 157 13.27 5.23 -14.10
CA CYS B 157 12.50 4.24 -14.84
C CYS B 157 13.42 3.11 -15.26
N CYS B 158 12.85 1.92 -15.38
CA CYS B 158 13.56 0.75 -15.87
C CYS B 158 12.58 -0.13 -16.62
N ARG B 159 13.05 -0.72 -17.72
CA ARG B 159 12.23 -1.63 -18.52
C ARG B 159 13.10 -2.79 -19.01
N PHE B 160 12.58 -4.00 -18.89
CA PHE B 160 13.28 -5.18 -19.37
C PHE B 160 13.18 -5.29 -20.89
N LEU B 161 14.30 -5.64 -21.52
CA LEU B 161 14.27 -6.06 -22.92
C LEU B 161 14.07 -7.56 -23.03
N ASP B 162 14.83 -8.31 -22.25
CA ASP B 162 14.67 -9.75 -22.10
C ASP B 162 15.13 -10.10 -20.69
N ASP B 163 15.43 -11.37 -20.46
CA ASP B 163 15.88 -11.79 -19.14
C ASP B 163 17.30 -11.34 -18.82
N ASN B 164 18.08 -10.92 -19.82
CA ASN B 164 19.47 -10.58 -19.61
C ASN B 164 19.82 -9.12 -19.84
N GLN B 165 18.95 -8.35 -20.47
CA GLN B 165 19.21 -6.94 -20.75
C GLN B 165 18.14 -6.08 -20.12
N ILE B 166 18.53 -4.91 -19.61
CA ILE B 166 17.58 -3.96 -19.06
C ILE B 166 18.05 -2.54 -19.38
N VAL B 167 17.10 -1.65 -19.66
CA VAL B 167 17.41 -0.25 -19.94
C VAL B 167 16.82 0.58 -18.81
N THR B 168 17.68 1.40 -18.18
CA THR B 168 17.30 2.26 -17.08
C THR B 168 17.51 3.72 -17.45
N SER B 169 16.68 4.59 -16.88
CA SER B 169 16.87 6.02 -16.97
C SER B 169 17.10 6.57 -15.58
N SER B 170 17.85 7.67 -15.49
CA SER B 170 18.27 8.14 -14.19
C SER B 170 18.32 9.66 -14.16
N GLY B 171 18.41 10.19 -12.94
CA GLY B 171 18.52 11.61 -12.69
C GLY B 171 19.87 12.22 -12.98
N ASP B 172 20.86 11.42 -13.40
CA ASP B 172 22.16 11.95 -13.82
C ASP B 172 22.20 12.31 -15.29
N THR B 173 21.02 12.58 -15.90
CA THR B 173 20.82 12.98 -17.29
C THR B 173 21.31 11.94 -18.30
N THR B 174 21.37 10.66 -17.90
CA THR B 174 21.87 9.60 -18.75
C THR B 174 20.97 8.38 -18.66
N CYS B 175 20.85 7.67 -19.76
CA CYS B 175 20.22 6.35 -19.79
C CYS B 175 21.31 5.28 -19.91
N ALA B 176 20.95 4.05 -19.57
CA ALA B 176 21.94 2.98 -19.57
C ALA B 176 21.31 1.65 -19.97
N LEU B 177 22.02 0.90 -20.78
CA LEU B 177 21.66 -0.46 -21.14
C LEU B 177 22.62 -1.40 -20.43
N TRP B 178 22.07 -2.27 -19.59
CA TRP B 178 22.82 -3.17 -18.72
C TRP B 178 22.66 -4.61 -19.19
N ASP B 179 23.78 -5.33 -19.19
CA ASP B 179 23.79 -6.79 -19.21
C ASP B 179 23.62 -7.26 -17.77
N ILE B 180 22.58 -8.05 -17.51
CA ILE B 180 22.22 -8.38 -16.13
C ILE B 180 23.20 -9.39 -15.54
N GLU B 181 23.58 -10.41 -16.32
CA GLU B 181 24.38 -11.51 -15.78
C GLU B 181 25.82 -11.12 -15.47
N THR B 182 26.30 -9.98 -15.96
CA THR B 182 27.60 -9.47 -15.54
C THR B 182 27.52 -8.13 -14.82
N GLY B 183 26.31 -7.57 -14.65
CA GLY B 183 26.12 -6.34 -13.90
C GLY B 183 26.82 -5.11 -14.46
N GLN B 184 27.09 -5.09 -15.76
CA GLN B 184 27.88 -4.04 -16.38
C GLN B 184 27.01 -3.19 -17.30
N GLN B 185 27.30 -1.89 -17.34
CA GLN B 185 26.68 -1.00 -18.31
C GLN B 185 27.22 -1.33 -19.70
N THR B 186 26.40 -2.02 -20.50
CA THR B 186 26.79 -2.31 -21.87
C THR B 186 26.81 -1.04 -22.72
N THR B 187 25.81 -0.19 -22.58
CA THR B 187 25.74 1.04 -23.36
C THR B 187 25.33 2.18 -22.45
N THR B 188 25.87 3.37 -22.71
CA THR B 188 25.47 4.58 -21.99
C THR B 188 24.94 5.59 -23.01
N PHE B 189 23.73 6.08 -22.78
CA PHE B 189 23.06 7.02 -23.65
C PHE B 189 23.13 8.41 -23.02
N THR B 190 23.81 9.34 -23.71
CA THR B 190 24.03 10.68 -23.20
C THR B 190 23.57 11.69 -24.24
N GLY B 191 23.19 12.87 -23.76
CA GLY B 191 22.67 13.91 -24.64
C GLY B 191 21.62 14.77 -23.96
N HIS B 192 20.82 14.15 -23.10
CA HIS B 192 19.86 14.89 -22.30
C HIS B 192 20.57 15.82 -21.32
N THR B 193 20.10 17.05 -21.21
CA THR B 193 20.70 18.01 -20.29
C THR B 193 20.01 18.05 -18.94
N GLY B 194 18.79 17.53 -18.83
CA GLY B 194 18.07 17.45 -17.58
C GLY B 194 17.83 16.01 -17.18
N ASP B 195 17.22 15.85 -16.00
CA ASP B 195 16.96 14.53 -15.43
C ASP B 195 15.97 13.77 -16.29
N VAL B 196 16.36 12.58 -16.73
CA VAL B 196 15.49 11.72 -17.52
C VAL B 196 14.44 11.11 -16.59
N MET B 197 13.17 11.41 -16.84
CA MET B 197 12.12 11.04 -15.90
C MET B 197 11.38 9.77 -16.28
N SER B 198 11.42 9.36 -17.54
CA SER B 198 10.70 8.18 -17.99
C SER B 198 11.33 7.67 -19.25
N LEU B 199 11.05 6.40 -19.56
CA LEU B 199 11.41 5.84 -20.85
C LEU B 199 10.28 4.93 -21.31
N SER B 200 10.35 4.51 -22.57
CA SER B 200 9.42 3.54 -23.12
C SER B 200 10.12 2.77 -24.22
N LEU B 201 9.85 1.46 -24.28
CA LEU B 201 10.45 0.60 -25.29
C LEU B 201 9.48 0.38 -26.43
N ALA B 202 10.01 0.32 -27.65
CA ALA B 202 9.23 0.04 -28.84
C ALA B 202 8.72 -1.41 -28.80
N PRO B 203 7.78 -1.77 -29.68
CA PRO B 203 7.35 -3.18 -29.71
C PRO B 203 8.40 -4.14 -30.24
N ASP B 204 9.28 -3.70 -31.13
CA ASP B 204 10.38 -4.57 -31.58
C ASP B 204 11.62 -4.48 -30.70
N THR B 205 11.61 -3.56 -29.72
CA THR B 205 12.73 -3.28 -28.79
C THR B 205 14.03 -2.96 -29.52
N ARG B 206 13.93 -2.35 -30.70
CA ARG B 206 15.10 -1.84 -31.40
C ARG B 206 15.39 -0.39 -31.02
N LEU B 207 14.36 0.37 -30.67
CA LEU B 207 14.47 1.79 -30.37
C LEU B 207 13.77 2.05 -29.05
N PHE B 208 14.22 3.07 -28.33
CA PHE B 208 13.47 3.52 -27.17
C PHE B 208 13.52 5.04 -27.07
N VAL B 209 12.48 5.62 -26.47
CA VAL B 209 12.37 7.06 -26.31
C VAL B 209 12.49 7.38 -24.83
N SER B 210 13.00 8.57 -24.54
CA SER B 210 13.16 9.02 -23.18
C SER B 210 12.82 10.49 -23.10
N GLY B 211 12.05 10.87 -22.08
CA GLY B 211 11.67 12.25 -21.86
C GLY B 211 12.35 12.77 -20.60
N ALA B 212 12.91 13.96 -20.71
CA ALA B 212 13.71 14.49 -19.61
C ALA B 212 13.15 15.81 -19.13
N CYS B 213 13.77 16.34 -18.07
CA CYS B 213 13.37 17.63 -17.48
C CYS B 213 13.86 18.82 -18.28
N ASP B 214 14.41 18.62 -19.48
CA ASP B 214 14.80 19.69 -20.37
C ASP B 214 13.74 19.98 -21.42
N ALA B 215 12.50 19.57 -21.15
CA ALA B 215 11.35 19.66 -22.05
C ALA B 215 11.63 19.05 -23.43
N SER B 216 12.37 17.94 -23.44
CA SER B 216 12.69 17.28 -24.69
C SER B 216 12.63 15.76 -24.54
N ALA B 217 12.37 15.10 -25.66
CA ALA B 217 12.31 13.65 -25.75
C ALA B 217 13.26 13.19 -26.83
N LYS B 218 14.08 12.18 -26.54
CA LYS B 218 15.09 11.70 -27.45
C LYS B 218 14.81 10.25 -27.82
N LEU B 219 14.89 9.95 -29.12
CA LEU B 219 14.82 8.59 -29.62
C LEU B 219 16.22 8.02 -29.74
N TRP B 220 16.42 6.83 -29.17
CA TRP B 220 17.71 6.20 -29.05
C TRP B 220 17.68 4.84 -29.72
N ASP B 221 18.70 4.55 -30.52
CA ASP B 221 18.92 3.20 -30.99
C ASP B 221 19.55 2.39 -29.87
N VAL B 222 19.07 1.16 -29.68
CA VAL B 222 19.55 0.36 -28.57
C VAL B 222 20.90 -0.27 -28.89
N ARG B 223 21.08 -0.71 -30.14
CA ARG B 223 22.30 -1.40 -30.51
C ARG B 223 23.45 -0.42 -30.73
N GLU B 224 23.25 0.57 -31.59
CA GLU B 224 24.34 1.49 -31.93
C GLU B 224 24.53 2.61 -30.92
N GLY B 225 23.63 2.76 -29.96
CA GLY B 225 23.90 3.58 -28.79
C GLY B 225 23.91 5.07 -29.04
N MET B 226 23.10 5.54 -29.99
CA MET B 226 23.11 6.93 -30.42
C MET B 226 21.70 7.50 -30.38
N CYS B 227 21.63 8.82 -30.38
CA CYS B 227 20.35 9.52 -30.42
C CYS B 227 19.98 9.80 -31.87
N ARG B 228 18.87 9.22 -32.32
CA ARG B 228 18.47 9.40 -33.71
C ARG B 228 17.75 10.72 -33.92
N GLN B 229 16.77 11.04 -33.07
CA GLN B 229 15.95 12.22 -33.24
C GLN B 229 15.68 12.86 -31.89
N THR B 230 15.51 14.19 -31.90
CA THR B 230 15.17 14.96 -30.72
C THR B 230 13.86 15.70 -30.98
N PHE B 231 12.95 15.65 -30.01
CA PHE B 231 11.63 16.23 -30.13
C PHE B 231 11.43 17.25 -29.02
N THR B 232 11.06 18.46 -29.41
CA THR B 232 10.75 19.53 -28.48
C THR B 232 9.31 19.98 -28.70
N GLY B 233 8.85 20.88 -27.85
CA GLY B 233 7.49 21.39 -27.95
C GLY B 233 6.86 21.64 -26.61
N HIS B 234 7.13 20.75 -25.65
CA HIS B 234 6.65 20.93 -24.29
C HIS B 234 7.28 22.14 -23.62
N GLU B 235 6.50 22.80 -22.78
CA GLU B 235 6.96 23.96 -22.04
C GLU B 235 7.63 23.62 -20.71
N SER B 236 7.55 22.38 -20.24
CA SER B 236 8.20 22.04 -18.98
C SER B 236 8.61 20.57 -18.99
N ASP B 237 8.88 20.04 -17.79
CA ASP B 237 9.42 18.69 -17.60
C ASP B 237 8.48 17.60 -18.11
N ILE B 238 9.02 16.73 -18.98
CA ILE B 238 8.27 15.61 -19.54
C ILE B 238 8.31 14.48 -18.53
N ASN B 239 7.27 14.36 -17.71
CA ASN B 239 7.24 13.34 -16.66
C ASN B 239 7.06 11.94 -17.24
N ALA B 240 6.24 11.79 -18.28
CA ALA B 240 5.89 10.48 -18.79
C ALA B 240 6.01 10.42 -20.30
N ILE B 241 6.30 9.22 -20.81
CA ILE B 241 6.38 8.96 -22.24
C ILE B 241 5.84 7.56 -22.52
N CYS B 242 5.21 7.39 -23.68
CA CYS B 242 4.68 6.09 -24.07
C CYS B 242 4.56 6.00 -25.59
N PHE B 243 4.74 4.79 -26.11
CA PHE B 243 4.67 4.51 -27.54
C PHE B 243 3.27 4.15 -28.02
N PHE B 244 2.97 4.57 -29.24
CA PHE B 244 1.78 4.14 -29.94
C PHE B 244 2.00 2.67 -30.33
N PRO B 245 0.92 1.89 -30.51
CA PRO B 245 1.13 0.45 -30.73
C PRO B 245 1.81 0.05 -32.04
N ASN B 246 1.71 0.84 -33.11
CA ASN B 246 2.50 0.50 -34.30
C ASN B 246 4.00 0.70 -34.08
N GLY B 247 4.37 1.64 -33.23
CA GLY B 247 5.77 1.98 -33.01
C GLY B 247 6.26 3.19 -33.79
N ASN B 248 5.42 3.81 -34.61
CA ASN B 248 5.81 4.96 -35.41
C ASN B 248 5.46 6.30 -34.77
N ALA B 249 4.93 6.29 -33.55
CA ALA B 249 4.56 7.52 -32.87
C ALA B 249 4.67 7.31 -31.38
N PHE B 250 4.87 8.40 -30.64
CA PHE B 250 4.83 8.31 -29.19
C PHE B 250 4.07 9.50 -28.61
N ALA B 251 3.67 9.36 -27.34
CA ALA B 251 2.97 10.41 -26.61
C ALA B 251 3.74 10.77 -25.35
N THR B 252 3.81 12.07 -25.07
CA THR B 252 4.52 12.61 -23.92
C THR B 252 3.54 13.31 -23.00
N GLY B 253 3.68 13.06 -21.70
CA GLY B 253 2.93 13.77 -20.67
C GLY B 253 3.88 14.66 -19.90
N SER B 254 3.50 15.93 -19.76
CA SER B 254 4.41 16.88 -19.13
C SER B 254 3.79 17.64 -17.97
N ASP B 255 4.54 18.60 -17.43
CA ASP B 255 4.08 19.43 -16.32
C ASP B 255 3.33 20.67 -16.76
N ASP B 256 3.27 20.95 -18.07
CA ASP B 256 2.52 22.09 -18.58
C ASP B 256 1.07 21.75 -18.89
N ALA B 257 0.53 20.70 -18.27
CA ALA B 257 -0.85 20.22 -18.37
C ALA B 257 -1.25 19.78 -19.77
N THR B 258 -0.30 19.55 -20.68
CA THR B 258 -0.61 19.06 -22.01
C THR B 258 0.05 17.71 -22.23
N CYS B 259 -0.63 16.87 -23.00
CA CYS B 259 -0.01 15.71 -23.61
C CYS B 259 0.26 16.02 -25.08
N ARG B 260 1.29 15.41 -25.64
CA ARG B 260 1.62 15.68 -27.03
C ARG B 260 1.95 14.39 -27.75
N LEU B 261 1.43 14.26 -28.96
CA LEU B 261 1.65 13.11 -29.83
C LEU B 261 2.64 13.52 -30.91
N PHE B 262 3.82 12.90 -30.89
CA PHE B 262 4.90 13.09 -31.85
C PHE B 262 4.99 11.88 -32.76
N ASP B 263 5.49 12.12 -33.97
CA ASP B 263 5.64 11.09 -34.99
C ASP B 263 7.11 10.94 -35.36
N LEU B 264 7.61 9.69 -35.35
CA LEU B 264 9.01 9.46 -35.66
C LEU B 264 9.32 9.67 -37.14
N ARG B 265 8.39 9.34 -38.03
CA ARG B 265 8.68 9.45 -39.45
C ARG B 265 8.48 10.87 -39.97
N ALA B 266 7.60 11.65 -39.36
CA ALA B 266 7.45 13.05 -39.73
C ALA B 266 8.34 13.96 -38.90
N ASP B 267 8.96 13.44 -37.84
CA ASP B 267 9.97 14.11 -37.02
C ASP B 267 9.47 15.42 -36.42
N GLN B 268 8.20 15.44 -35.98
CA GLN B 268 7.61 16.63 -35.38
C GLN B 268 6.35 16.26 -34.62
N GLU B 269 5.80 17.26 -33.94
CA GLU B 269 4.60 17.10 -33.14
C GLU B 269 3.38 16.99 -34.03
N LEU B 270 2.53 16.01 -33.74
CA LEU B 270 1.29 15.84 -34.49
C LEU B 270 0.08 16.41 -33.78
N MET B 271 -0.05 16.17 -32.46
CA MET B 271 -1.28 16.56 -31.78
C MET B 271 -0.96 17.05 -30.37
N THR B 272 -1.75 18.02 -29.90
CA THR B 272 -1.70 18.48 -28.51
C THR B 272 -3.03 18.18 -27.85
N TYR B 273 -2.97 17.60 -26.65
CA TYR B 273 -4.14 17.22 -25.86
C TYR B 273 -4.11 18.08 -24.60
N SER B 274 -4.96 19.10 -24.56
CA SER B 274 -5.02 20.02 -23.43
C SER B 274 -6.41 20.61 -23.33
N HIS B 275 -6.82 20.90 -22.10
CA HIS B 275 -8.10 21.54 -21.83
C HIS B 275 -7.90 22.64 -20.81
N ASP B 276 -8.55 23.78 -21.05
CA ASP B 276 -8.42 24.96 -20.21
C ASP B 276 -8.81 24.71 -18.75
N ASN B 277 -9.75 23.80 -18.50
CA ASN B 277 -10.13 23.47 -17.13
C ASN B 277 -9.10 22.65 -16.38
N ILE B 278 -8.18 21.98 -17.06
CA ILE B 278 -7.16 21.16 -16.40
C ILE B 278 -5.81 21.87 -16.49
N ILE B 279 -5.29 22.27 -15.34
CA ILE B 279 -3.96 22.88 -15.25
C ILE B 279 -2.94 21.99 -14.55
N CYS B 280 -3.35 20.85 -14.01
CA CYS B 280 -2.42 19.95 -13.33
C CYS B 280 -1.54 19.19 -14.32
N GLY B 281 -0.31 18.88 -13.87
CA GLY B 281 0.61 18.14 -14.70
C GLY B 281 0.29 16.66 -14.81
N ILE B 282 0.78 16.06 -15.88
CA ILE B 282 0.57 14.64 -16.16
C ILE B 282 1.69 13.83 -15.53
N THR B 283 1.33 12.77 -14.81
CA THR B 283 2.29 11.85 -14.22
C THR B 283 2.51 10.58 -15.01
N SER B 284 1.52 10.14 -15.79
CA SER B 284 1.62 8.87 -16.48
C SER B 284 0.76 8.91 -17.74
N VAL B 285 1.24 8.28 -18.80
CA VAL B 285 0.49 8.14 -20.04
C VAL B 285 0.58 6.70 -20.51
N SER B 286 -0.47 6.27 -21.22
CA SER B 286 -0.48 4.98 -21.89
C SER B 286 -1.53 5.03 -23.00
N PHE B 287 -1.51 4.00 -23.84
CA PHE B 287 -2.41 3.90 -24.97
C PHE B 287 -3.28 2.67 -24.81
N SER B 288 -4.37 2.64 -25.55
CA SER B 288 -5.17 1.42 -25.64
C SER B 288 -4.53 0.50 -26.67
N LYS B 289 -5.12 -0.69 -26.86
CA LYS B 289 -4.50 -1.69 -27.71
C LYS B 289 -4.55 -1.28 -29.18
N SER B 290 -5.63 -0.60 -29.59
CA SER B 290 -5.71 -0.06 -30.94
C SER B 290 -4.99 1.28 -31.07
N GLY B 291 -4.70 1.95 -29.96
CA GLY B 291 -4.12 3.27 -30.01
C GLY B 291 -5.11 4.40 -30.18
N ARG B 292 -6.41 4.10 -30.23
CA ARG B 292 -7.41 5.15 -30.42
C ARG B 292 -7.60 5.98 -29.16
N LEU B 293 -7.48 5.37 -27.99
CA LEU B 293 -7.60 6.09 -26.73
C LEU B 293 -6.22 6.33 -26.14
N LEU B 294 -6.03 7.52 -25.58
CA LEU B 294 -4.81 7.88 -24.86
C LEU B 294 -5.22 8.22 -23.43
N LEU B 295 -4.68 7.50 -22.46
CA LEU B 295 -5.05 7.68 -21.08
C LEU B 295 -3.93 8.40 -20.35
N ALA B 296 -4.30 9.39 -19.54
CA ALA B 296 -3.29 10.20 -18.86
C ALA B 296 -3.71 10.44 -17.42
N GLY B 297 -2.78 10.21 -16.49
CA GLY B 297 -3.02 10.51 -15.09
C GLY B 297 -2.50 11.89 -14.72
N TYR B 298 -3.22 12.53 -13.81
CA TYR B 298 -3.05 13.95 -13.51
C TYR B 298 -2.90 14.15 -12.01
N ASP B 299 -2.46 15.36 -11.64
CA ASP B 299 -2.33 15.71 -10.23
C ASP B 299 -3.65 16.15 -9.61
N ASP B 300 -4.74 16.17 -10.38
CA ASP B 300 -6.05 16.54 -9.87
C ASP B 300 -6.84 15.37 -9.32
N PHE B 301 -6.15 14.24 -9.08
CA PHE B 301 -6.60 12.97 -8.47
C PHE B 301 -7.35 12.13 -9.50
N ASN B 302 -7.37 12.52 -10.76
CA ASN B 302 -8.17 11.87 -11.79
C ASN B 302 -7.30 11.42 -12.96
N CYS B 303 -7.95 10.70 -13.87
CA CYS B 303 -7.36 10.25 -15.13
C CYS B 303 -8.27 10.65 -16.26
N ASN B 304 -7.70 11.11 -17.36
CA ASN B 304 -8.49 11.52 -18.52
C ASN B 304 -8.20 10.62 -19.71
N VAL B 305 -9.26 10.25 -20.42
CA VAL B 305 -9.18 9.43 -21.62
C VAL B 305 -9.48 10.36 -22.80
N TRP B 306 -8.51 10.46 -23.71
CA TRP B 306 -8.57 11.35 -24.86
C TRP B 306 -8.68 10.54 -26.14
N ASP B 307 -9.53 11.02 -27.05
CA ASP B 307 -9.53 10.52 -28.42
C ASP B 307 -8.20 10.91 -29.05
N ALA B 308 -7.34 9.92 -29.33
CA ALA B 308 -6.00 10.21 -29.80
C ALA B 308 -5.97 10.73 -31.23
N LEU B 309 -7.05 10.58 -31.98
CA LEU B 309 -7.12 11.10 -33.33
C LEU B 309 -7.88 12.41 -33.44
N LYS B 310 -8.63 12.79 -32.41
CA LYS B 310 -9.47 13.99 -32.46
C LYS B 310 -9.25 14.95 -31.31
N ALA B 311 -8.47 14.58 -30.29
CA ALA B 311 -8.07 15.42 -29.15
C ALA B 311 -9.28 15.90 -28.33
N ASP B 312 -10.36 15.13 -28.33
CA ASP B 312 -11.48 15.37 -27.44
C ASP B 312 -11.32 14.52 -26.19
N ARG B 313 -11.85 14.99 -25.08
CA ARG B 313 -11.83 14.21 -23.84
C ARG B 313 -12.93 13.15 -23.93
N ALA B 314 -12.53 11.91 -24.16
CA ALA B 314 -13.50 10.83 -24.30
C ALA B 314 -14.11 10.44 -22.95
N GLY B 315 -13.37 10.61 -21.86
CA GLY B 315 -13.93 10.21 -20.58
C GLY B 315 -13.01 10.54 -19.43
N VAL B 316 -13.50 10.24 -18.22
CA VAL B 316 -12.79 10.51 -16.97
C VAL B 316 -12.84 9.27 -16.10
N LEU B 317 -11.68 8.85 -15.60
CA LEU B 317 -11.55 7.85 -14.55
C LEU B 317 -11.30 8.58 -13.24
N ALA B 318 -12.33 8.64 -12.39
CA ALA B 318 -12.29 9.42 -11.16
C ALA B 318 -12.60 8.48 -10.00
N GLY B 319 -11.56 7.95 -9.36
CA GLY B 319 -11.77 7.06 -8.24
C GLY B 319 -10.69 7.10 -7.18
N HIS B 320 -9.74 8.02 -7.29
CA HIS B 320 -8.60 8.07 -6.39
C HIS B 320 -8.66 9.33 -5.53
N ASP B 321 -8.24 9.19 -4.27
CA ASP B 321 -8.27 10.28 -3.31
C ASP B 321 -6.97 11.06 -3.26
N ASN B 322 -5.96 10.65 -4.02
CA ASN B 322 -4.70 11.37 -4.09
C ASN B 322 -4.21 11.29 -5.53
N ARG B 323 -2.96 11.73 -5.73
CA ARG B 323 -2.39 11.86 -7.07
C ARG B 323 -2.25 10.50 -7.75
N VAL B 324 -2.78 10.40 -8.98
CA VAL B 324 -2.59 9.22 -9.78
C VAL B 324 -1.15 9.19 -10.24
N SER B 325 -0.34 8.35 -9.62
CA SER B 325 1.10 8.35 -9.86
C SER B 325 1.51 7.48 -11.04
N CYS B 326 0.71 6.46 -11.37
CA CYS B 326 1.12 5.52 -12.39
C CYS B 326 -0.11 4.83 -12.96
N LEU B 327 0.02 4.35 -14.19
CA LEU B 327 -1.07 3.64 -14.85
C LEU B 327 -0.50 2.80 -15.97
N GLY B 328 -1.23 1.75 -16.32
CA GLY B 328 -0.81 0.84 -17.36
C GLY B 328 -2.01 0.16 -17.99
N VAL B 329 -1.82 -0.27 -19.22
CA VAL B 329 -2.83 -1.00 -19.98
C VAL B 329 -2.26 -2.38 -20.29
N THR B 330 -3.09 -3.41 -20.14
CA THR B 330 -2.70 -4.78 -20.39
C THR B 330 -2.32 -5.00 -21.87
N ASP B 331 -1.63 -6.10 -22.13
CA ASP B 331 -1.19 -6.40 -23.48
C ASP B 331 -2.35 -6.77 -24.40
N ASP B 332 -3.41 -7.34 -23.85
CA ASP B 332 -4.63 -7.58 -24.62
C ASP B 332 -5.59 -6.40 -24.58
N GLY B 333 -5.28 -5.37 -23.79
CA GLY B 333 -6.14 -4.20 -23.70
C GLY B 333 -7.42 -4.42 -22.95
N MET B 334 -7.48 -5.46 -22.11
CA MET B 334 -8.72 -5.76 -21.41
C MET B 334 -9.00 -4.81 -20.26
N ALA B 335 -7.97 -4.26 -19.63
CA ALA B 335 -8.21 -3.40 -18.47
C ALA B 335 -7.05 -2.43 -18.27
N VAL B 336 -7.36 -1.33 -17.59
CA VAL B 336 -6.39 -0.31 -17.23
C VAL B 336 -6.21 -0.32 -15.73
N ALA B 337 -4.97 -0.45 -15.27
CA ALA B 337 -4.67 -0.35 -13.85
C ALA B 337 -4.11 1.04 -13.54
N THR B 338 -4.70 1.70 -12.56
CA THR B 338 -4.19 2.98 -12.07
C THR B 338 -3.76 2.83 -10.62
N GLY B 339 -2.51 3.18 -10.34
CA GLY B 339 -2.00 3.20 -8.98
C GLY B 339 -1.71 4.64 -8.58
N SER B 340 -1.96 4.95 -7.32
CA SER B 340 -2.02 6.32 -6.87
C SER B 340 -1.36 6.46 -5.50
N TRP B 341 -1.21 7.72 -5.08
CA TRP B 341 -0.61 8.07 -3.79
C TRP B 341 -1.52 7.78 -2.61
N ASP B 342 -2.79 7.39 -2.84
CA ASP B 342 -3.69 7.02 -1.76
C ASP B 342 -3.59 5.55 -1.38
N SER B 343 -2.49 4.88 -1.75
CA SER B 343 -2.11 3.53 -1.37
C SER B 343 -3.02 2.45 -1.98
N PHE B 344 -3.72 2.76 -3.06
CA PHE B 344 -4.57 1.78 -3.72
C PHE B 344 -4.23 1.70 -5.20
N LEU B 345 -4.43 0.52 -5.77
CA LEU B 345 -4.51 0.34 -7.21
C LEU B 345 -5.94 -0.02 -7.57
N LYS B 346 -6.39 0.46 -8.73
CA LYS B 346 -7.73 0.17 -9.20
C LYS B 346 -7.67 -0.35 -10.63
N ILE B 347 -8.43 -1.42 -10.88
CA ILE B 347 -8.56 -2.02 -12.20
C ILE B 347 -9.84 -1.47 -12.82
N TRP B 348 -9.73 -0.88 -14.00
CA TRP B 348 -10.86 -0.29 -14.70
C TRP B 348 -11.10 -1.05 -16.00
N ASN B 349 -12.37 -1.22 -16.34
CA ASN B 349 -12.74 -1.89 -17.58
C ASN B 349 -13.93 -1.18 -18.24
N SER C 7 35.07 24.78 -24.18
CA SER C 7 34.06 23.76 -24.39
C SER C 7 33.94 23.41 -25.87
N ILE C 8 35.07 23.39 -26.56
CA ILE C 8 35.07 23.15 -28.01
C ILE C 8 34.67 21.71 -28.34
N ALA C 9 35.04 20.75 -27.48
CA ALA C 9 34.67 19.35 -27.69
C ALA C 9 33.16 19.15 -27.62
N GLN C 10 32.53 19.71 -26.58
CA GLN C 10 31.08 19.59 -26.43
C GLN C 10 30.34 20.35 -27.53
N ALA C 11 30.89 21.50 -27.94
CA ALA C 11 30.30 22.27 -29.02
C ALA C 11 30.35 21.51 -30.34
N ARG C 12 31.51 20.90 -30.65
CA ARG C 12 31.63 20.18 -31.91
C ARG C 12 30.86 18.85 -31.86
N LYS C 13 30.64 18.31 -30.68
CA LYS C 13 29.82 17.10 -30.57
C LYS C 13 28.34 17.43 -30.74
N LEU C 14 27.92 18.59 -30.23
CA LEU C 14 26.55 19.05 -30.45
C LEU C 14 26.31 19.42 -31.92
N VAL C 15 27.34 19.96 -32.59
CA VAL C 15 27.21 20.31 -34.00
C VAL C 15 27.14 19.05 -34.85
N GLU C 16 27.92 18.02 -34.53
CA GLU C 16 27.84 16.76 -35.26
C GLU C 16 26.51 16.04 -34.99
N GLN C 17 26.01 16.14 -33.75
CA GLN C 17 24.69 15.62 -33.42
C GLN C 17 23.60 16.29 -34.24
N LEU C 18 23.63 17.62 -34.35
CA LEU C 18 22.62 18.31 -35.14
C LEU C 18 22.80 18.07 -36.64
N LYS C 19 24.01 17.77 -37.10
CA LYS C 19 24.20 17.35 -38.49
C LYS C 19 23.55 16.00 -38.75
N MET C 20 23.81 15.02 -37.88
CA MET C 20 23.29 13.68 -38.07
C MET C 20 21.79 13.60 -37.79
N GLU C 21 21.23 14.59 -37.09
CA GLU C 21 19.78 14.70 -36.99
C GLU C 21 19.17 15.48 -38.15
N ALA C 22 19.90 16.43 -38.72
CA ALA C 22 19.39 17.18 -39.88
C ALA C 22 19.29 16.31 -41.12
N ASN C 23 20.30 15.46 -41.35
CA ASN C 23 20.38 14.74 -42.61
C ASN C 23 19.40 13.57 -42.76
N ILE C 24 18.58 13.26 -41.75
CA ILE C 24 17.60 12.15 -41.86
C ILE C 24 16.54 12.48 -42.92
N ASP C 25 15.91 11.42 -43.42
CA ASP C 25 14.79 11.53 -44.34
C ASP C 25 13.48 11.67 -43.58
N ARG C 26 12.62 12.58 -44.04
CA ARG C 26 11.34 12.84 -43.40
C ARG C 26 10.21 12.67 -44.41
N ILE C 27 9.16 11.97 -44.00
CA ILE C 27 7.95 11.86 -44.81
C ILE C 27 6.99 12.96 -44.39
N LYS C 28 5.94 13.18 -45.18
CA LYS C 28 5.03 14.28 -44.93
C LYS C 28 4.05 13.91 -43.82
N VAL C 29 3.65 14.93 -43.05
CA VAL C 29 2.75 14.79 -41.90
C VAL C 29 1.43 14.13 -42.31
N SER C 30 0.92 14.48 -43.50
CA SER C 30 -0.32 13.89 -44.00
C SER C 30 -0.24 12.37 -44.15
N LYS C 31 0.90 11.87 -44.64
CA LYS C 31 1.07 10.43 -44.81
C LYS C 31 1.14 9.71 -43.46
N ALA C 32 1.84 10.28 -42.49
CA ALA C 32 1.94 9.65 -41.17
C ALA C 32 0.63 9.71 -40.42
N ALA C 33 -0.13 10.81 -40.60
CA ALA C 33 -1.45 10.92 -40.02
C ALA C 33 -2.41 9.90 -40.62
N ALA C 34 -2.33 9.72 -41.95
CA ALA C 34 -3.13 8.69 -42.61
C ALA C 34 -2.75 7.29 -42.13
N ASP C 35 -1.46 7.05 -41.86
CA ASP C 35 -1.04 5.74 -41.38
C ASP C 35 -1.48 5.48 -39.95
N LEU C 36 -1.50 6.51 -39.10
CA LEU C 36 -2.02 6.33 -37.74
C LEU C 36 -3.52 6.12 -37.74
N MET C 37 -4.24 6.83 -38.63
CA MET C 37 -5.68 6.63 -38.76
C MET C 37 -6.00 5.24 -39.29
N ALA C 38 -5.19 4.76 -40.26
CA ALA C 38 -5.38 3.43 -40.82
C ALA C 38 -5.10 2.34 -39.78
N TYR C 39 -4.07 2.53 -38.94
CA TYR C 39 -3.82 1.58 -37.87
C TYR C 39 -4.95 1.60 -36.84
N CYS C 40 -5.47 2.78 -36.50
CA CYS C 40 -6.54 2.87 -35.52
C CYS C 40 -7.85 2.25 -36.04
N GLU C 41 -8.11 2.32 -37.34
CA GLU C 41 -9.30 1.66 -37.85
C GLU C 41 -9.06 0.20 -38.23
N ALA C 42 -7.80 -0.23 -38.34
CA ALA C 42 -7.51 -1.63 -38.63
C ALA C 42 -7.67 -2.52 -37.39
N HIS C 43 -7.57 -1.94 -36.20
CA HIS C 43 -7.62 -2.69 -34.95
C HIS C 43 -8.77 -2.22 -34.05
N ALA C 44 -9.80 -1.60 -34.64
CA ALA C 44 -10.91 -1.05 -33.87
C ALA C 44 -11.66 -2.12 -33.09
N LYS C 45 -12.00 -3.23 -33.75
CA LYS C 45 -12.80 -4.27 -33.10
C LYS C 45 -11.97 -5.13 -32.15
N GLU C 46 -10.65 -4.98 -32.14
CA GLU C 46 -9.79 -5.73 -31.24
C GLU C 46 -9.49 -4.98 -29.94
N ASP C 47 -10.10 -3.81 -29.73
CA ASP C 47 -9.83 -3.00 -28.56
C ASP C 47 -11.00 -3.12 -27.58
N PRO C 48 -10.83 -3.78 -26.44
CA PRO C 48 -11.92 -3.86 -25.44
C PRO C 48 -12.31 -2.53 -24.84
N LEU C 49 -11.37 -1.59 -24.69
CA LEU C 49 -11.69 -0.28 -24.14
C LEU C 49 -12.61 0.52 -25.05
N LEU C 50 -12.39 0.45 -26.37
CA LEU C 50 -13.20 1.21 -27.31
C LEU C 50 -14.65 0.76 -27.34
N THR C 51 -14.87 -0.55 -27.45
CA THR C 51 -16.21 -1.12 -27.48
C THR C 51 -16.26 -2.17 -26.37
N PRO C 52 -17.21 -2.06 -25.43
CA PRO C 52 -17.27 -3.02 -24.32
C PRO C 52 -17.55 -4.44 -24.77
N VAL C 53 -16.80 -5.38 -24.19
CA VAL C 53 -16.95 -6.80 -24.43
C VAL C 53 -18.17 -7.28 -23.64
N PRO C 54 -18.71 -8.47 -23.93
CA PRO C 54 -19.77 -9.01 -23.07
C PRO C 54 -19.26 -9.36 -21.69
N ALA C 55 -20.20 -9.39 -20.74
CA ALA C 55 -19.88 -9.69 -19.34
C ALA C 55 -19.25 -11.06 -19.17
N SER C 56 -19.73 -12.05 -19.93
CA SER C 56 -19.13 -13.38 -19.89
C SER C 56 -17.70 -13.37 -20.41
N GLU C 57 -17.45 -12.62 -21.49
CA GLU C 57 -16.10 -12.53 -22.05
C GLU C 57 -15.15 -11.79 -21.13
N ASN C 58 -15.63 -10.76 -20.43
CA ASN C 58 -14.83 -9.94 -19.55
C ASN C 58 -14.39 -10.76 -18.33
N PRO C 59 -13.09 -10.96 -18.11
CA PRO C 59 -12.66 -11.67 -16.89
C PRO C 59 -12.96 -10.92 -15.61
N PHE C 60 -12.76 -9.59 -15.62
CA PHE C 60 -12.95 -8.78 -14.43
C PHE C 60 -14.42 -8.63 -14.05
N ARG C 61 -15.30 -8.47 -15.05
CA ARG C 61 -16.74 -8.43 -14.75
C ARG C 61 -17.24 -9.77 -14.24
N GLU C 62 -16.77 -10.87 -14.83
CA GLU C 62 -17.20 -12.20 -14.42
C GLU C 62 -16.25 -12.78 -13.37
N ASP D 1 20.96 -27.14 -1.38
CA ASP D 1 19.89 -27.62 -2.24
C ASP D 1 18.69 -28.04 -1.43
N VAL D 2 17.56 -28.25 -2.12
CA VAL D 2 16.33 -28.66 -1.46
C VAL D 2 16.45 -30.11 -1.01
N GLN D 3 16.12 -30.36 0.26
CA GLN D 3 16.29 -31.69 0.83
C GLN D 3 15.26 -31.91 1.92
N LEU D 4 14.58 -33.05 1.85
CA LEU D 4 13.65 -33.51 2.88
C LEU D 4 14.09 -34.90 3.31
N VAL D 5 14.37 -35.06 4.60
CA VAL D 5 14.87 -36.32 5.15
C VAL D 5 13.88 -36.82 6.19
N GLU D 6 13.36 -38.02 6.00
CA GLU D 6 12.42 -38.61 6.93
C GLU D 6 13.12 -39.58 7.88
N SER D 7 12.57 -39.66 9.09
CA SER D 7 13.07 -40.56 10.12
C SER D 7 11.91 -40.93 11.04
N GLY D 8 12.10 -42.00 11.79
CA GLY D 8 11.10 -42.48 12.72
C GLY D 8 10.45 -43.78 12.34
N GLY D 9 10.90 -44.44 11.27
CA GLY D 9 10.34 -45.72 10.87
C GLY D 9 10.86 -46.86 11.70
N GLY D 10 10.48 -48.06 11.30
CA GLY D 10 10.88 -49.27 11.98
C GLY D 10 9.69 -50.19 12.13
N LEU D 11 9.86 -51.17 13.00
CA LEU D 11 8.84 -52.19 13.25
C LEU D 11 8.08 -51.82 14.52
N VAL D 12 6.76 -51.77 14.41
CA VAL D 12 5.89 -51.37 15.51
C VAL D 12 4.86 -52.48 15.73
N GLN D 13 4.61 -52.80 17.00
CA GLN D 13 3.53 -53.73 17.33
C GLN D 13 2.18 -53.12 16.97
N PRO D 14 1.23 -53.94 16.53
CA PRO D 14 -0.09 -53.42 16.14
C PRO D 14 -0.86 -52.86 17.32
N GLY D 15 -1.56 -51.74 17.07
CA GLY D 15 -2.19 -50.99 18.12
C GLY D 15 -1.30 -50.00 18.84
N GLY D 16 -0.01 -49.97 18.51
CA GLY D 16 0.93 -49.08 19.17
C GLY D 16 0.88 -47.67 18.64
N SER D 17 1.97 -46.93 18.89
CA SER D 17 2.09 -45.57 18.42
C SER D 17 3.52 -45.33 17.95
N ARG D 18 3.68 -44.32 17.10
CA ARG D 18 4.97 -43.93 16.57
C ARG D 18 4.83 -42.50 16.06
N LYS D 19 5.96 -41.82 15.87
CA LYS D 19 5.95 -40.42 15.44
C LYS D 19 7.02 -40.24 14.38
N LEU D 20 6.60 -39.90 13.17
CA LEU D 20 7.52 -39.68 12.07
C LEU D 20 7.92 -38.22 12.01
N SER D 21 9.17 -37.98 11.60
CA SER D 21 9.70 -36.63 11.45
C SER D 21 10.28 -36.48 10.06
N CYS D 22 10.19 -35.26 9.54
CA CYS D 22 10.73 -34.89 8.24
C CYS D 22 11.47 -33.58 8.42
N SER D 23 12.80 -33.63 8.33
CA SER D 23 13.65 -32.45 8.45
C SER D 23 13.85 -31.85 7.07
N ALA D 24 13.65 -30.54 6.98
CA ALA D 24 13.77 -29.80 5.73
C ALA D 24 15.01 -28.93 5.75
N SER D 25 15.70 -28.87 4.62
CA SER D 25 16.86 -28.00 4.49
C SER D 25 16.93 -27.48 3.07
N GLY D 26 17.36 -26.23 2.93
CA GLY D 26 17.62 -25.65 1.63
C GLY D 26 16.46 -24.95 0.97
N PHE D 27 15.35 -24.74 1.68
CA PHE D 27 14.25 -23.95 1.13
C PHE D 27 13.48 -23.31 2.27
N ALA D 28 12.67 -22.31 1.92
CA ALA D 28 11.87 -21.59 2.89
C ALA D 28 10.70 -22.43 3.36
N PHE D 29 10.92 -23.21 4.43
CA PHE D 29 9.98 -24.26 4.86
C PHE D 29 8.63 -23.68 5.28
N SER D 30 8.62 -22.49 5.89
CA SER D 30 7.39 -21.95 6.44
C SER D 30 6.46 -21.36 5.38
N SER D 31 6.85 -21.35 4.11
CA SER D 31 6.00 -20.87 3.04
C SER D 31 5.41 -22.00 2.21
N PHE D 32 5.73 -23.24 2.55
CA PHE D 32 5.24 -24.41 1.82
C PHE D 32 4.24 -25.17 2.67
N GLY D 33 3.12 -25.53 2.09
CA GLY D 33 2.29 -26.56 2.68
C GLY D 33 2.95 -27.91 2.52
N MET D 34 2.66 -28.81 3.45
CA MET D 34 3.29 -30.12 3.43
C MET D 34 2.26 -31.23 3.47
N HIS D 35 2.60 -32.33 2.83
CA HIS D 35 1.75 -33.50 2.75
C HIS D 35 2.53 -34.71 3.24
N TRP D 36 1.82 -35.64 3.84
CA TRP D 36 2.31 -36.99 4.03
C TRP D 36 1.57 -37.89 3.04
N VAL D 37 2.33 -38.68 2.30
CA VAL D 37 1.80 -39.62 1.31
C VAL D 37 2.44 -40.97 1.57
N ARG D 38 1.62 -42.00 1.72
CA ARG D 38 2.12 -43.35 1.99
C ARG D 38 2.15 -44.16 0.71
N GLN D 39 2.90 -45.26 0.77
CA GLN D 39 3.03 -46.18 -0.36
C GLN D 39 3.24 -47.58 0.19
N ALA D 40 2.15 -48.33 0.30
CA ALA D 40 2.22 -49.73 0.65
C ALA D 40 3.03 -50.47 -0.41
N PRO D 41 3.91 -51.42 -0.03
CA PRO D 41 4.95 -51.91 -0.97
C PRO D 41 4.46 -52.51 -2.28
N GLU D 42 3.47 -53.40 -2.23
CA GLU D 42 2.89 -53.93 -3.46
C GLU D 42 2.08 -52.87 -4.19
N LYS D 43 1.37 -52.02 -3.43
CA LYS D 43 0.40 -51.08 -3.97
C LYS D 43 1.05 -49.77 -4.41
N GLY D 44 0.22 -48.84 -4.85
CA GLY D 44 0.65 -47.54 -5.30
C GLY D 44 0.56 -46.47 -4.21
N LEU D 45 0.75 -45.23 -4.63
CA LEU D 45 0.74 -44.10 -3.70
C LEU D 45 -0.65 -43.84 -3.17
N GLU D 46 -0.71 -43.32 -1.94
CA GLU D 46 -1.97 -42.99 -1.28
C GLU D 46 -1.75 -41.77 -0.39
N TRP D 47 -2.56 -40.74 -0.60
CA TRP D 47 -2.43 -39.51 0.18
C TRP D 47 -2.94 -39.73 1.59
N VAL D 48 -2.19 -39.22 2.57
CA VAL D 48 -2.50 -39.40 3.99
C VAL D 48 -2.95 -38.10 4.64
N ALA D 49 -2.11 -37.07 4.59
CA ALA D 49 -2.44 -35.87 5.36
C ALA D 49 -1.83 -34.63 4.73
N TYR D 50 -2.36 -33.48 5.09
CA TYR D 50 -1.89 -32.19 4.60
C TYR D 50 -2.02 -31.13 5.68
N ILE D 51 -0.95 -30.37 5.89
CA ILE D 51 -0.99 -29.17 6.73
C ILE D 51 -0.57 -27.98 5.87
N SER D 52 -1.33 -26.90 5.97
CA SER D 52 -1.07 -25.75 5.11
C SER D 52 0.13 -24.96 5.63
N SER D 53 0.55 -23.98 4.85
CA SER D 53 1.55 -23.03 5.30
C SER D 53 0.93 -22.13 6.37
N GLY D 54 1.60 -22.03 7.52
CA GLY D 54 1.05 -21.31 8.65
C GLY D 54 0.08 -22.11 9.51
N SER D 55 -0.12 -23.40 9.19
CA SER D 55 -0.90 -24.37 9.97
C SER D 55 -2.37 -23.98 10.10
N GLY D 56 -2.88 -23.14 9.20
CA GLY D 56 -4.26 -22.71 9.30
C GLY D 56 -5.28 -23.67 8.73
N THR D 57 -4.83 -24.67 7.99
CA THR D 57 -5.72 -25.60 7.31
C THR D 57 -5.09 -26.99 7.36
N ILE D 58 -5.84 -27.96 7.88
CA ILE D 58 -5.36 -29.32 8.06
C ILE D 58 -6.39 -30.27 7.49
N TYR D 59 -5.94 -31.20 6.64
CA TYR D 59 -6.82 -32.22 6.07
C TYR D 59 -6.21 -33.60 6.29
N TYR D 60 -7.10 -34.59 6.42
CA TYR D 60 -6.71 -35.98 6.58
C TYR D 60 -7.51 -36.84 5.61
N ALA D 61 -6.97 -38.02 5.35
CA ALA D 61 -7.71 -39.03 4.61
C ALA D 61 -8.64 -39.75 5.56
N ASP D 62 -9.71 -40.34 5.00
CA ASP D 62 -10.72 -41.02 5.82
C ASP D 62 -10.14 -42.20 6.57
N THR D 63 -9.22 -42.95 5.93
CA THR D 63 -8.64 -44.14 6.54
C THR D 63 -7.88 -43.80 7.82
N VAL D 64 -7.21 -42.65 7.85
CA VAL D 64 -6.35 -42.27 8.96
C VAL D 64 -7.00 -41.25 9.89
N LYS D 65 -8.25 -40.84 9.61
CA LYS D 65 -8.91 -39.81 10.38
C LYS D 65 -9.13 -40.24 11.83
N GLY D 66 -8.87 -39.33 12.77
CA GLY D 66 -8.97 -39.61 14.17
C GLY D 66 -7.79 -40.32 14.80
N ARG D 67 -6.99 -41.02 14.01
CA ARG D 67 -5.82 -41.75 14.49
C ARG D 67 -4.53 -40.97 14.32
N PHE D 68 -4.38 -40.27 13.19
CA PHE D 68 -3.13 -39.60 12.84
C PHE D 68 -3.25 -38.12 13.13
N THR D 69 -2.13 -37.49 13.47
CA THR D 69 -2.09 -36.05 13.69
C THR D 69 -0.87 -35.48 13.01
N ILE D 70 -1.08 -34.58 12.07
CA ILE D 70 0.00 -33.91 11.36
C ILE D 70 0.27 -32.58 12.03
N SER D 71 1.54 -32.19 12.10
CA SER D 71 1.92 -30.93 12.71
C SER D 71 3.23 -30.46 12.10
N ARG D 72 3.52 -29.17 12.25
CA ARG D 72 4.79 -28.64 11.78
C ARG D 72 5.38 -27.72 12.84
N ASP D 73 6.70 -27.71 12.91
CA ASP D 73 7.44 -26.76 13.73
C ASP D 73 8.36 -26.00 12.79
N ASP D 74 8.00 -24.76 12.50
CA ASP D 74 8.64 -23.90 11.51
C ASP D 74 10.01 -23.33 11.89
N PRO D 75 10.31 -22.94 13.15
CA PRO D 75 11.70 -22.54 13.45
C PRO D 75 12.73 -23.66 13.31
N LYS D 76 12.35 -24.91 13.57
CA LYS D 76 13.29 -26.01 13.41
C LYS D 76 13.18 -26.70 12.05
N ASN D 77 12.26 -26.23 11.19
CA ASN D 77 12.06 -26.74 9.82
C ASN D 77 11.70 -28.22 9.82
N THR D 78 10.75 -28.61 10.67
CA THR D 78 10.49 -30.02 10.88
C THR D 78 8.99 -30.28 10.77
N LEU D 79 8.64 -31.41 10.16
CA LEU D 79 7.25 -31.85 10.01
C LEU D 79 7.05 -33.15 10.77
N PHE D 80 5.97 -33.23 11.54
CA PHE D 80 5.68 -34.38 12.39
C PHE D 80 4.38 -35.05 11.96
N LEU D 81 4.38 -36.38 12.03
CA LEU D 81 3.16 -37.18 11.89
C LEU D 81 3.09 -38.13 13.08
N GLN D 82 2.21 -37.83 14.03
CA GLN D 82 2.00 -38.67 15.20
C GLN D 82 0.91 -39.70 14.87
N MET D 83 1.31 -40.95 14.75
CA MET D 83 0.42 -42.05 14.37
C MET D 83 0.09 -42.88 15.59
N THR D 84 -1.20 -42.96 15.91
CA THR D 84 -1.71 -43.70 17.05
C THR D 84 -2.55 -44.88 16.55
N SER D 85 -2.55 -45.97 17.33
CA SER D 85 -3.33 -47.20 17.10
C SER D 85 -3.12 -47.76 15.69
N LEU D 86 -1.90 -48.21 15.44
CA LEU D 86 -1.50 -48.62 14.10
C LEU D 86 -2.12 -49.97 13.74
N ARG D 87 -2.46 -50.12 12.46
CA ARG D 87 -2.98 -51.37 11.93
C ARG D 87 -1.99 -51.97 10.94
N SER D 88 -2.33 -53.17 10.46
CA SER D 88 -1.49 -53.86 9.48
C SER D 88 -1.45 -53.11 8.15
N GLU D 89 -2.56 -52.49 7.76
CA GLU D 89 -2.63 -51.73 6.51
C GLU D 89 -1.71 -50.52 6.51
N ASP D 90 -1.42 -49.97 7.70
CA ASP D 90 -0.54 -48.80 7.83
C ASP D 90 0.90 -49.06 7.39
N THR D 91 1.31 -50.32 7.26
CA THR D 91 2.66 -50.67 6.81
C THR D 91 2.90 -50.14 5.40
N ALA D 92 3.85 -49.20 5.29
CA ALA D 92 4.09 -48.48 4.04
C ALA D 92 5.35 -47.64 4.17
N MET D 93 5.81 -47.12 3.04
CA MET D 93 6.87 -46.12 3.02
C MET D 93 6.23 -44.75 2.94
N TYR D 94 6.65 -43.85 3.82
CA TYR D 94 6.00 -42.56 4.01
C TYR D 94 6.89 -41.46 3.45
N TYR D 95 6.29 -40.54 2.71
CA TYR D 95 6.98 -39.42 2.11
C TYR D 95 6.39 -38.11 2.61
N CYS D 96 7.25 -37.16 2.96
CA CYS D 96 6.83 -35.77 3.11
C CYS D 96 7.04 -35.07 1.78
N VAL D 97 6.00 -34.39 1.31
CA VAL D 97 5.99 -33.70 0.03
C VAL D 97 5.73 -32.22 0.30
N ARG D 98 6.55 -31.36 -0.29
CA ARG D 98 6.30 -29.93 -0.21
C ARG D 98 5.42 -29.50 -1.37
N SER D 99 4.61 -28.48 -1.13
CA SER D 99 3.74 -27.95 -2.17
C SER D 99 3.39 -26.51 -1.81
N ILE D 100 3.62 -25.60 -2.74
CA ILE D 100 3.32 -24.18 -2.55
C ILE D 100 2.20 -23.82 -3.53
N TYR D 101 1.32 -22.93 -3.11
CA TYR D 101 0.12 -22.63 -3.87
C TYR D 101 -0.01 -21.13 -4.08
N TYR D 102 0.25 -20.69 -5.30
CA TYR D 102 -0.13 -19.36 -5.77
C TYR D 102 -0.44 -19.49 -7.25
N TYR D 103 -0.68 -18.38 -7.92
CA TYR D 103 -0.98 -18.42 -9.34
C TYR D 103 0.28 -18.78 -10.12
N GLY D 104 0.22 -19.89 -10.85
CA GLY D 104 1.34 -20.35 -11.65
C GLY D 104 2.34 -21.19 -10.91
N SER D 105 2.11 -21.51 -9.64
CA SER D 105 3.03 -22.33 -8.87
C SER D 105 2.93 -23.80 -9.30
N SER D 106 3.92 -24.58 -8.89
CA SER D 106 3.95 -26.01 -9.17
C SER D 106 3.92 -26.78 -7.85
N PRO D 107 2.75 -27.21 -7.40
CA PRO D 107 2.68 -28.01 -6.17
C PRO D 107 3.23 -29.42 -6.40
N PHE D 108 3.53 -30.07 -5.27
CA PHE D 108 4.04 -31.45 -5.21
C PHE D 108 5.35 -31.62 -5.97
N ASP D 109 6.20 -30.58 -5.95
CA ASP D 109 7.36 -30.56 -6.83
C ASP D 109 8.55 -31.31 -6.24
N PHE D 110 8.64 -31.42 -4.92
CA PHE D 110 9.74 -32.15 -4.30
C PHE D 110 9.21 -33.15 -3.28
N TRP D 111 9.76 -34.36 -3.32
CA TRP D 111 9.37 -35.46 -2.44
C TRP D 111 10.57 -35.90 -1.63
N GLY D 112 10.33 -36.21 -0.36
CA GLY D 112 11.39 -36.75 0.47
C GLY D 112 11.73 -38.18 0.11
N GLN D 113 12.79 -38.70 0.73
CA GLN D 113 13.26 -40.04 0.40
C GLN D 113 12.36 -41.12 0.96
N GLY D 114 11.66 -40.84 2.06
CA GLY D 114 10.69 -41.77 2.60
C GLY D 114 11.24 -42.61 3.73
N THR D 115 10.40 -42.93 4.71
CA THR D 115 10.78 -43.78 5.82
C THR D 115 9.84 -44.99 5.88
N THR D 116 10.39 -46.14 6.21
CA THR D 116 9.64 -47.39 6.15
C THR D 116 9.00 -47.71 7.50
N LEU D 117 7.69 -47.94 7.50
CA LEU D 117 6.95 -48.31 8.68
C LEU D 117 6.40 -49.72 8.47
N THR D 118 6.85 -50.66 9.30
CA THR D 118 6.38 -52.04 9.24
C THR D 118 5.60 -52.34 10.51
N VAL D 119 4.35 -52.75 10.35
CA VAL D 119 3.50 -53.16 11.47
C VAL D 119 3.29 -54.66 11.36
N SER D 120 3.74 -55.40 12.37
CA SER D 120 3.66 -56.85 12.34
C SER D 120 2.23 -57.31 12.65
N SER D 121 1.99 -58.59 12.40
CA SER D 121 0.70 -59.20 12.70
C SER D 121 0.85 -60.70 12.93
N GLY D 135 -16.89 -42.26 -0.19
CA GLY D 135 -17.95 -42.58 -1.14
C GLY D 135 -18.03 -41.61 -2.29
N SER D 136 -17.81 -40.33 -2.00
CA SER D 136 -17.82 -39.27 -3.01
C SER D 136 -16.42 -38.95 -3.51
N ASP D 137 -15.44 -39.78 -3.21
CA ASP D 137 -14.06 -39.52 -3.63
C ASP D 137 -13.92 -39.75 -5.13
N ILE D 138 -13.08 -38.95 -5.76
CA ILE D 138 -12.82 -39.09 -7.19
C ILE D 138 -11.96 -40.32 -7.41
N VAL D 139 -12.35 -41.14 -8.38
CA VAL D 139 -11.65 -42.40 -8.68
C VAL D 139 -10.87 -42.20 -9.96
N MET D 140 -9.54 -42.33 -9.87
CA MET D 140 -8.67 -42.22 -11.03
C MET D 140 -8.31 -43.61 -11.52
N THR D 141 -8.48 -43.83 -12.82
CA THR D 141 -8.31 -45.15 -13.41
C THR D 141 -7.18 -45.12 -14.43
N GLN D 142 -6.11 -45.88 -14.16
CA GLN D 142 -5.06 -46.14 -15.13
C GLN D 142 -5.23 -47.60 -15.55
N ALA D 143 -5.91 -47.79 -16.69
CA ALA D 143 -6.42 -49.11 -17.08
C ALA D 143 -5.29 -50.10 -17.37
N THR D 144 -4.32 -49.71 -18.19
CA THR D 144 -3.20 -50.60 -18.49
C THR D 144 -2.13 -50.48 -17.39
N SER D 145 -1.82 -51.62 -16.76
CA SER D 145 -0.89 -51.60 -15.65
C SER D 145 0.56 -51.66 -16.11
N SER D 146 0.83 -52.36 -17.21
CA SER D 146 2.18 -52.54 -17.72
C SER D 146 2.19 -52.31 -19.22
N VAL D 147 3.27 -51.70 -19.71
CA VAL D 147 3.47 -51.49 -21.14
C VAL D 147 4.90 -51.85 -21.48
N PRO D 148 5.14 -52.81 -22.38
CA PRO D 148 6.51 -53.08 -22.84
C PRO D 148 6.91 -52.14 -23.97
N VAL D 149 8.09 -51.53 -23.84
CA VAL D 149 8.51 -50.46 -24.74
C VAL D 149 10.03 -50.59 -24.93
N THR D 150 10.52 -50.02 -26.03
CA THR D 150 11.92 -49.95 -26.41
C THR D 150 12.35 -48.50 -26.52
N PRO D 151 13.64 -48.19 -26.28
CA PRO D 151 14.08 -46.79 -26.34
C PRO D 151 13.98 -46.20 -27.74
N GLY D 152 13.69 -44.91 -27.79
CA GLY D 152 13.54 -44.19 -29.04
C GLY D 152 12.14 -44.23 -29.61
N GLU D 153 11.18 -44.82 -28.91
CA GLU D 153 9.82 -44.98 -29.39
C GLU D 153 8.87 -44.14 -28.52
N SER D 154 8.01 -43.37 -29.19
CA SER D 154 6.98 -42.61 -28.49
C SER D 154 5.98 -43.56 -27.82
N VAL D 155 5.43 -43.11 -26.69
CA VAL D 155 4.52 -43.94 -25.91
C VAL D 155 3.52 -43.04 -25.22
N SER D 156 2.27 -43.50 -25.14
CA SER D 156 1.19 -42.75 -24.50
C SER D 156 0.69 -43.50 -23.27
N ILE D 157 0.48 -42.77 -22.19
CA ILE D 157 -0.05 -43.31 -20.94
C ILE D 157 -1.38 -42.62 -20.68
N SER D 158 -2.43 -43.39 -20.44
CA SER D 158 -3.77 -42.86 -20.32
C SER D 158 -4.25 -42.90 -18.87
N CYS D 159 -4.90 -41.82 -18.45
CA CYS D 159 -5.57 -41.72 -17.17
C CYS D 159 -7.01 -41.29 -17.41
N ARG D 160 -7.91 -41.78 -16.58
CA ARG D 160 -9.32 -41.44 -16.71
C ARG D 160 -9.91 -41.15 -15.34
N SER D 161 -10.66 -40.06 -15.24
CA SER D 161 -11.23 -39.60 -13.98
C SER D 161 -12.74 -39.84 -13.98
N SER D 162 -13.27 -40.18 -12.80
CA SER D 162 -14.71 -40.39 -12.67
C SER D 162 -15.48 -39.07 -12.68
N LYS D 163 -14.83 -37.96 -12.33
CA LYS D 163 -15.45 -36.66 -12.28
C LYS D 163 -14.65 -35.72 -13.19
N SER D 164 -15.31 -34.69 -13.70
CA SER D 164 -14.64 -33.72 -14.55
C SER D 164 -13.66 -32.90 -13.72
N LEU D 165 -12.38 -32.94 -14.10
CA LEU D 165 -11.33 -32.24 -13.39
C LEU D 165 -11.14 -30.82 -13.88
N LEU D 166 -11.88 -30.39 -14.90
CA LEU D 166 -11.80 -29.02 -15.38
C LEU D 166 -12.67 -28.14 -14.51
N HIS D 167 -12.06 -27.17 -13.84
CA HIS D 167 -12.78 -26.25 -12.99
C HIS D 167 -13.39 -25.11 -13.82
N SER D 168 -14.18 -24.27 -13.17
CA SER D 168 -14.80 -23.13 -13.83
C SER D 168 -13.81 -22.00 -14.11
N ASN D 169 -12.64 -22.00 -13.49
CA ASN D 169 -11.63 -20.99 -13.74
C ASN D 169 -10.72 -21.36 -14.92
N GLY D 170 -11.00 -22.45 -15.62
CA GLY D 170 -10.23 -22.86 -16.76
C GLY D 170 -9.10 -23.80 -16.45
N ASN D 171 -8.79 -24.02 -15.19
CA ASN D 171 -7.73 -24.94 -14.80
C ASN D 171 -8.25 -26.37 -14.72
N THR D 172 -7.43 -27.30 -15.16
CA THR D 172 -7.68 -28.73 -15.03
C THR D 172 -6.64 -29.27 -14.07
N TYR D 173 -7.10 -29.86 -12.96
CA TYR D 173 -6.19 -30.21 -11.87
C TYR D 173 -5.87 -31.70 -11.92
N LEU D 174 -4.93 -32.05 -12.79
CA LEU D 174 -4.36 -33.39 -12.81
C LEU D 174 -2.86 -33.26 -12.94
N TYR D 175 -2.16 -34.11 -12.19
CA TYR D 175 -0.73 -34.07 -12.04
C TYR D 175 -0.19 -35.43 -12.47
N TRP D 176 1.00 -35.44 -13.07
CA TRP D 176 1.67 -36.65 -13.49
C TRP D 176 2.99 -36.75 -12.75
N PHE D 177 3.20 -37.89 -12.09
CA PHE D 177 4.40 -38.20 -11.35
C PHE D 177 5.06 -39.44 -11.93
N LEU D 178 6.38 -39.48 -11.85
CA LEU D 178 7.16 -40.66 -12.21
C LEU D 178 7.92 -41.14 -10.98
N GLN D 179 7.80 -42.43 -10.69
CA GLN D 179 8.60 -43.08 -9.66
C GLN D 179 9.53 -44.06 -10.35
N ARG D 180 10.82 -43.73 -10.37
CA ARG D 180 11.82 -44.64 -10.86
C ARG D 180 12.03 -45.76 -9.83
N PRO D 181 12.52 -46.93 -10.25
CA PRO D 181 12.72 -48.03 -9.30
C PRO D 181 13.77 -47.70 -8.24
N GLY D 182 13.37 -47.80 -6.98
CA GLY D 182 14.22 -47.52 -5.86
C GLY D 182 14.33 -46.06 -5.46
N GLN D 183 13.59 -45.17 -6.09
CA GLN D 183 13.65 -43.75 -5.79
C GLN D 183 12.28 -43.22 -5.39
N SER D 184 12.27 -41.98 -4.93
CA SER D 184 11.06 -41.27 -4.58
C SER D 184 10.35 -40.80 -5.86
N PRO D 185 9.05 -40.56 -5.80
CA PRO D 185 8.34 -40.01 -6.96
C PRO D 185 8.80 -38.60 -7.31
N GLN D 186 8.74 -38.29 -8.60
CA GLN D 186 9.20 -37.02 -9.14
C GLN D 186 8.07 -36.40 -9.93
N LEU D 187 7.81 -35.11 -9.69
CA LEU D 187 6.76 -34.42 -10.43
C LEU D 187 7.18 -34.21 -11.88
N LEU D 188 6.34 -34.64 -12.81
CA LEU D 188 6.56 -34.43 -14.23
C LEU D 188 5.68 -33.34 -14.79
N ILE D 189 4.36 -33.48 -14.66
CA ILE D 189 3.42 -32.54 -15.25
C ILE D 189 2.50 -32.03 -14.13
N TYR D 190 2.31 -30.72 -14.07
CA TYR D 190 1.37 -30.14 -13.11
C TYR D 190 0.27 -29.41 -13.85
N ARG D 191 -0.97 -29.63 -13.40
CA ARG D 191 -2.18 -28.99 -13.94
C ARG D 191 -2.40 -29.29 -15.43
N MET D 192 -2.39 -30.59 -15.75
CA MET D 192 -2.68 -31.20 -17.07
C MET D 192 -1.61 -30.99 -18.12
N SER D 193 -1.25 -29.74 -18.44
CA SER D 193 -0.36 -29.48 -19.57
C SER D 193 0.97 -28.84 -19.20
N ASN D 194 1.06 -28.15 -18.06
CA ASN D 194 2.28 -27.43 -17.72
C ASN D 194 3.38 -28.40 -17.32
N LEU D 195 4.56 -28.22 -17.89
CA LEU D 195 5.70 -29.08 -17.60
C LEU D 195 6.54 -28.48 -16.48
N ALA D 196 7.23 -29.35 -15.74
CA ALA D 196 7.87 -28.96 -14.49
C ALA D 196 9.35 -28.63 -14.69
N SER D 197 9.92 -27.99 -13.68
CA SER D 197 11.32 -27.56 -13.74
C SER D 197 12.25 -28.76 -13.67
N GLY D 198 13.20 -28.82 -14.60
CA GLY D 198 14.13 -29.92 -14.70
C GLY D 198 13.63 -31.11 -15.48
N VAL D 199 12.37 -31.10 -15.92
CA VAL D 199 11.78 -32.19 -16.69
C VAL D 199 12.12 -31.94 -18.15
N PRO D 200 12.57 -32.96 -18.89
CA PRO D 200 12.85 -32.77 -20.32
C PRO D 200 11.59 -32.48 -21.12
N ASP D 201 11.77 -31.78 -22.24
CA ASP D 201 10.66 -31.29 -23.04
C ASP D 201 9.93 -32.39 -23.80
N ARG D 202 10.45 -33.61 -23.81
CA ARG D 202 9.80 -34.70 -24.55
C ARG D 202 8.51 -35.18 -23.89
N PHE D 203 8.33 -34.91 -22.59
CA PHE D 203 7.08 -35.21 -21.92
C PHE D 203 6.02 -34.20 -22.32
N SER D 204 4.78 -34.66 -22.48
CA SER D 204 3.71 -33.74 -22.85
C SER D 204 2.36 -34.24 -22.35
N GLY D 205 1.61 -33.35 -21.70
CA GLY D 205 0.31 -33.71 -21.16
C GLY D 205 -0.87 -33.10 -21.91
N SER D 206 -1.74 -33.95 -22.46
CA SER D 206 -2.90 -33.49 -23.23
C SER D 206 -4.15 -34.17 -22.68
N GLY D 207 -5.09 -33.39 -22.20
CA GLY D 207 -6.31 -33.95 -21.65
C GLY D 207 -7.53 -33.13 -22.03
N SER D 208 -8.68 -33.81 -22.08
CA SER D 208 -9.96 -33.17 -22.42
C SER D 208 -11.04 -33.46 -21.36
N GLY D 209 -10.97 -32.74 -20.24
CA GLY D 209 -11.90 -32.94 -19.14
C GLY D 209 -11.85 -34.18 -18.27
N THR D 210 -12.10 -35.36 -18.85
CA THR D 210 -12.08 -36.60 -18.08
C THR D 210 -11.11 -37.64 -18.61
N ALA D 211 -10.48 -37.42 -19.75
CA ALA D 211 -9.53 -38.37 -20.33
C ALA D 211 -8.23 -37.62 -20.55
N PHE D 212 -7.13 -38.19 -20.05
CA PHE D 212 -5.84 -37.54 -20.08
C PHE D 212 -4.80 -38.48 -20.66
N THR D 213 -3.83 -37.91 -21.38
CA THR D 213 -2.76 -38.65 -22.01
C THR D 213 -1.43 -37.98 -21.72
N LEU D 214 -0.43 -38.80 -21.39
CA LEU D 214 0.93 -38.35 -21.17
C LEU D 214 1.78 -39.00 -22.25
N THR D 215 2.41 -38.18 -23.09
CA THR D 215 3.15 -38.64 -24.24
C THR D 215 4.63 -38.47 -23.99
N ILE D 216 5.38 -39.56 -24.21
CA ILE D 216 6.83 -39.58 -24.10
C ILE D 216 7.35 -39.86 -25.51
N SER D 217 7.73 -38.81 -26.23
CA SER D 217 8.39 -38.97 -27.50
C SER D 217 9.87 -39.23 -27.28
N ARG D 218 10.43 -40.18 -28.04
CA ARG D 218 11.85 -40.54 -28.04
C ARG D 218 12.29 -40.98 -26.63
N LEU D 219 11.74 -42.11 -26.21
CA LEU D 219 11.94 -42.63 -24.87
C LEU D 219 13.40 -43.01 -24.62
N GLU D 220 13.88 -42.70 -23.43
CA GLU D 220 15.25 -42.97 -23.03
C GLU D 220 15.28 -43.98 -21.89
N ALA D 221 16.49 -44.38 -21.52
CA ALA D 221 16.69 -45.45 -20.53
C ALA D 221 16.28 -45.03 -19.13
N GLU D 222 16.22 -43.73 -18.83
CA GLU D 222 15.81 -43.25 -17.52
C GLU D 222 14.32 -42.90 -17.47
N ASP D 223 13.54 -43.33 -18.44
CA ASP D 223 12.10 -43.10 -18.44
C ASP D 223 11.30 -44.30 -17.95
N VAL D 224 11.95 -45.43 -17.66
CA VAL D 224 11.24 -46.58 -17.14
C VAL D 224 10.87 -46.35 -15.68
N GLY D 225 9.83 -47.02 -15.23
CA GLY D 225 9.32 -46.82 -13.89
C GLY D 225 7.81 -46.77 -13.90
N VAL D 226 7.22 -46.28 -12.81
CA VAL D 226 5.77 -46.30 -12.64
C VAL D 226 5.25 -44.87 -12.70
N TYR D 227 4.25 -44.64 -13.53
CA TYR D 227 3.69 -43.32 -13.77
C TYR D 227 2.32 -43.22 -13.10
N TYR D 228 2.16 -42.20 -12.25
CA TYR D 228 0.94 -42.01 -11.48
C TYR D 228 0.26 -40.72 -11.90
N CYS D 229 -1.07 -40.77 -12.05
CA CYS D 229 -1.87 -39.57 -12.19
C CYS D 229 -2.57 -39.27 -10.89
N MET D 230 -2.61 -37.99 -10.53
CA MET D 230 -3.23 -37.51 -9.30
C MET D 230 -4.20 -36.40 -9.63
N GLN D 231 -5.34 -36.37 -8.96
CA GLN D 231 -6.21 -35.21 -9.06
C GLN D 231 -5.93 -34.28 -7.89
N HIS D 232 -6.15 -32.98 -8.12
CA HIS D 232 -6.05 -31.99 -7.06
C HIS D 232 -7.25 -31.04 -7.08
N LEU D 233 -8.38 -31.50 -7.62
CA LEU D 233 -9.58 -30.68 -7.64
C LEU D 233 -10.20 -30.59 -6.25
N GLU D 234 -10.30 -31.72 -5.55
CA GLU D 234 -10.99 -31.77 -4.27
C GLU D 234 -10.18 -32.62 -3.30
N TYR D 235 -10.29 -32.29 -2.02
CA TYR D 235 -9.74 -33.20 -1.03
C TYR D 235 -10.75 -34.29 -0.67
N PRO D 236 -10.33 -35.55 -0.45
CA PRO D 236 -8.98 -36.10 -0.44
C PRO D 236 -8.36 -36.29 -1.82
N LEU D 237 -7.05 -36.07 -1.91
CA LEU D 237 -6.35 -36.28 -3.17
C LEU D 237 -6.20 -37.77 -3.43
N THR D 238 -6.53 -38.20 -4.64
CA THR D 238 -6.49 -39.61 -5.00
C THR D 238 -5.54 -39.81 -6.16
N PHE D 239 -4.85 -40.95 -6.14
CA PHE D 239 -3.90 -41.31 -7.16
C PHE D 239 -4.47 -42.42 -8.03
N GLY D 240 -3.86 -42.60 -9.20
CA GLY D 240 -4.14 -43.78 -9.99
C GLY D 240 -3.40 -44.99 -9.47
N ALA D 241 -3.68 -46.14 -10.06
CA ALA D 241 -2.99 -47.36 -9.69
C ALA D 241 -1.57 -47.43 -10.25
N GLY D 242 -1.22 -46.56 -11.19
CA GLY D 242 0.12 -46.53 -11.74
C GLY D 242 0.27 -47.39 -12.98
N THR D 243 0.97 -46.88 -13.97
CA THR D 243 1.26 -47.60 -15.21
C THR D 243 2.77 -47.79 -15.29
N LYS D 244 3.22 -49.03 -15.41
CA LYS D 244 4.64 -49.33 -15.38
C LYS D 244 5.19 -49.41 -16.81
N LEU D 245 6.34 -48.77 -17.03
CA LEU D 245 7.11 -48.91 -18.24
C LEU D 245 8.39 -49.67 -17.93
N GLU D 246 8.72 -50.63 -18.78
CA GLU D 246 9.91 -51.46 -18.66
C GLU D 246 10.48 -51.68 -20.06
N LEU D 247 11.77 -51.98 -20.12
CA LEU D 247 12.45 -52.15 -21.39
C LEU D 247 12.08 -53.49 -22.03
N LYS D 248 12.60 -53.70 -23.24
CA LYS D 248 12.39 -54.89 -24.08
C LYS D 248 10.92 -55.17 -24.37
N THR E 4 -17.75 -21.33 -6.79
CA THR E 4 -16.93 -21.54 -5.61
C THR E 4 -15.48 -21.87 -6.03
N LEU E 5 -14.58 -21.85 -5.05
CA LEU E 5 -13.16 -21.98 -5.32
C LEU E 5 -12.72 -23.45 -5.29
N SER E 6 -11.67 -23.74 -6.03
CA SER E 6 -11.03 -25.05 -5.96
C SER E 6 -10.09 -25.10 -4.76
N ALA E 7 -9.41 -26.24 -4.59
CA ALA E 7 -8.50 -26.42 -3.46
C ALA E 7 -7.29 -25.53 -3.58
N GLU E 8 -6.69 -25.44 -4.77
CA GLU E 8 -5.53 -24.58 -4.97
C GLU E 8 -5.90 -23.11 -4.89
N ASP E 9 -7.12 -22.75 -5.31
CA ASP E 9 -7.59 -21.38 -5.16
C ASP E 9 -7.75 -21.01 -3.69
N LYS E 10 -8.30 -21.93 -2.88
CA LYS E 10 -8.44 -21.70 -1.45
C LYS E 10 -7.09 -21.57 -0.76
N ALA E 11 -6.12 -22.40 -1.15
CA ALA E 11 -4.79 -22.29 -0.57
C ALA E 11 -4.07 -21.02 -1.02
N ALA E 12 -4.33 -20.55 -2.25
CA ALA E 12 -3.79 -19.27 -2.69
C ALA E 12 -4.39 -18.11 -1.92
N VAL E 13 -5.70 -18.19 -1.60
CA VAL E 13 -6.33 -17.17 -0.77
C VAL E 13 -5.75 -17.18 0.64
N GLU E 14 -5.45 -18.37 1.17
CA GLU E 14 -4.82 -18.47 2.50
C GLU E 14 -3.41 -17.90 2.49
N ARG E 15 -2.65 -18.14 1.42
CA ARG E 15 -1.32 -17.53 1.27
C ARG E 15 -1.42 -16.00 1.18
N SER E 16 -2.43 -15.50 0.46
CA SER E 16 -2.67 -14.07 0.36
C SER E 16 -3.00 -13.46 1.72
N LYS E 17 -3.75 -14.17 2.55
CA LYS E 17 -4.08 -13.64 3.87
C LYS E 17 -2.89 -13.70 4.83
N MET E 18 -2.01 -14.70 4.66
CA MET E 18 -0.76 -14.71 5.42
C MET E 18 0.13 -13.53 5.03
N ILE E 19 0.19 -13.24 3.73
CA ILE E 19 0.91 -12.07 3.24
C ILE E 19 0.31 -10.79 3.80
N ASP E 20 -1.02 -10.73 3.88
CA ASP E 20 -1.72 -9.58 4.46
C ASP E 20 -1.35 -9.37 5.92
N ARG E 21 -1.25 -10.45 6.70
CA ARG E 21 -0.91 -10.31 8.11
C ARG E 21 0.55 -9.90 8.29
N ASN E 22 1.44 -10.43 7.44
CA ASN E 22 2.84 -10.00 7.49
C ASN E 22 3.00 -8.54 7.09
N LEU E 23 2.21 -8.09 6.11
CA LEU E 23 2.22 -6.69 5.71
C LEU E 23 1.72 -5.79 6.84
N ARG E 24 0.66 -6.19 7.53
CA ARG E 24 0.13 -5.37 8.62
C ARG E 24 1.11 -5.29 9.79
N GLU E 25 1.80 -6.40 10.11
CA GLU E 25 2.82 -6.35 11.16
C GLU E 25 4.01 -5.46 10.77
N ASP E 26 4.49 -5.58 9.54
CA ASP E 26 5.59 -4.74 9.08
C ASP E 26 5.17 -3.27 9.03
N GLY E 27 3.93 -3.00 8.67
CA GLY E 27 3.42 -1.64 8.68
C GLY E 27 3.35 -1.04 10.08
N GLU E 28 2.91 -1.84 11.06
CA GLU E 28 2.87 -1.36 12.44
C GLU E 28 4.28 -1.07 12.97
N LYS E 29 5.22 -1.99 12.74
CA LYS E 29 6.59 -1.76 13.20
C LYS E 29 7.25 -0.57 12.47
N ALA E 30 6.94 -0.37 11.19
CA ALA E 30 7.43 0.81 10.48
C ALA E 30 6.82 2.09 11.05
N ALA E 31 5.52 2.06 11.37
CA ALA E 31 4.84 3.22 11.94
C ALA E 31 5.40 3.61 13.30
N ARG E 32 5.83 2.63 14.10
CA ARG E 32 6.35 2.96 15.43
C ARG E 32 7.76 3.57 15.41
N GLU E 33 8.42 3.64 14.26
CA GLU E 33 9.75 4.22 14.16
C GLU E 33 9.69 5.71 13.87
N VAL E 34 10.79 6.40 14.13
CA VAL E 34 10.91 7.84 13.87
C VAL E 34 11.79 8.02 12.64
N LYS E 35 11.34 8.86 11.71
CA LYS E 35 12.08 9.15 10.48
C LYS E 35 12.43 10.63 10.46
N LEU E 36 13.72 10.93 10.32
CA LEU E 36 14.21 12.30 10.26
C LEU E 36 14.92 12.54 8.93
N LEU E 37 14.67 13.69 8.33
CA LEU E 37 15.32 14.08 7.07
C LEU E 37 16.38 15.13 7.37
N LEU E 38 17.64 14.82 7.04
CA LEU E 38 18.76 15.69 7.37
C LEU E 38 19.11 16.55 6.18
N LEU E 39 19.06 17.87 6.37
CA LEU E 39 19.34 18.84 5.31
C LEU E 39 20.33 19.88 5.80
N GLY E 40 20.95 20.55 4.84
CA GLY E 40 21.89 21.61 5.14
C GLY E 40 22.83 21.84 3.98
N ALA E 41 23.54 22.96 4.08
CA ALA E 41 24.55 23.30 3.09
C ALA E 41 25.76 22.37 3.21
N GLY E 42 26.51 22.27 2.12
CA GLY E 42 27.72 21.46 2.14
C GLY E 42 28.75 22.01 3.11
N GLU E 43 29.39 21.08 3.85
CA GLU E 43 30.44 21.38 4.85
C GLU E 43 29.93 22.32 5.94
N SER E 44 28.67 22.16 6.33
CA SER E 44 28.07 22.98 7.37
C SER E 44 27.99 22.27 8.71
N GLY E 45 28.72 21.16 8.88
CA GLY E 45 28.66 20.40 10.11
C GLY E 45 27.72 19.22 10.09
N LYS E 46 27.17 18.86 8.92
CA LYS E 46 26.30 17.70 8.79
C LYS E 46 26.99 16.41 9.20
N ASN E 47 28.27 16.25 8.81
CA ASN E 47 29.04 15.06 9.15
C ASN E 47 29.25 14.94 10.66
N THR E 48 29.53 16.07 11.33
CA THR E 48 29.68 16.09 12.78
C THR E 48 28.40 15.61 13.46
N ILE E 49 27.26 16.06 12.96
CA ILE E 49 25.95 15.64 13.47
C ILE E 49 25.75 14.14 13.27
N VAL E 50 26.12 13.63 12.08
CA VAL E 50 25.99 12.19 11.80
C VAL E 50 26.86 11.36 12.73
N LYS E 51 28.10 11.82 12.98
CA LYS E 51 28.98 11.12 13.92
C LYS E 51 28.43 11.15 15.35
N GLN E 52 27.86 12.28 15.77
CA GLN E 52 27.27 12.36 17.11
C GLN E 52 26.06 11.44 17.26
N MET E 53 25.16 11.46 16.27
CA MET E 53 23.96 10.61 16.33
C MET E 53 24.31 9.12 16.24
N LYS E 54 25.32 8.77 15.45
CA LYS E 54 25.65 7.36 15.19
C LYS E 54 26.06 6.62 16.45
N ILE E 55 26.93 7.23 17.26
CA ILE E 55 27.42 6.60 18.48
C ILE E 55 26.32 6.43 19.52
N THR E 182 27.44 6.63 -2.41
CA THR E 182 26.43 7.22 -3.27
C THR E 182 25.03 6.91 -2.77
N GLY E 183 24.04 7.57 -3.36
CA GLY E 183 22.66 7.33 -2.97
C GLY E 183 22.28 8.07 -1.70
N ILE E 184 21.27 7.52 -1.03
CA ILE E 184 20.73 8.10 0.19
C ILE E 184 21.40 7.42 1.38
N VAL E 185 22.19 8.19 2.14
CA VAL E 185 22.78 7.65 3.36
C VAL E 185 21.68 7.49 4.39
N GLU E 186 21.65 6.35 5.06
CA GLU E 186 20.69 6.10 6.12
C GLU E 186 21.42 5.72 7.40
N THR E 187 21.01 6.33 8.51
CA THR E 187 21.62 6.13 9.81
C THR E 187 20.59 5.52 10.76
N HIS E 188 20.96 4.43 11.42
CA HIS E 188 20.13 3.75 12.40
C HIS E 188 20.66 4.00 13.81
N PHE E 189 19.85 4.60 14.66
CA PHE E 189 20.28 4.72 16.06
C PHE E 189 19.06 4.69 16.96
N THR E 190 19.24 4.14 18.15
CA THR E 190 18.16 4.06 19.13
C THR E 190 18.57 4.78 20.40
N PHE E 191 17.73 5.73 20.83
CA PHE E 191 17.97 6.49 22.04
C PHE E 191 16.72 6.41 22.92
N LYS E 192 16.92 6.05 24.20
CA LYS E 192 15.89 5.98 25.23
C LYS E 192 14.68 5.16 24.79
N ASP E 193 14.99 3.98 24.23
CA ASP E 193 14.00 3.00 23.73
C ASP E 193 13.13 3.62 22.64
N LEU E 194 13.74 4.46 21.81
CA LEU E 194 13.07 5.05 20.65
C LEU E 194 14.00 4.93 19.46
N HIS E 195 13.50 4.34 18.37
CA HIS E 195 14.30 4.09 17.19
C HIS E 195 14.20 5.24 16.20
N PHE E 196 15.35 5.63 15.65
CA PHE E 196 15.47 6.75 14.73
C PHE E 196 16.19 6.27 13.48
N LYS E 197 15.54 6.46 12.33
CA LYS E 197 16.20 6.44 11.04
C LYS E 197 16.43 7.87 10.61
N MET E 198 17.61 8.14 10.06
CA MET E 198 17.97 9.48 9.61
C MET E 198 18.46 9.38 8.17
N PHE E 199 17.89 10.19 7.30
CA PHE E 199 18.17 10.12 5.87
C PHE E 199 18.94 11.36 5.44
N ASP E 200 20.17 11.15 4.97
CA ASP E 200 20.99 12.18 4.37
C ASP E 200 20.91 12.04 2.86
N VAL E 201 20.53 13.13 2.18
CA VAL E 201 20.27 13.13 0.75
C VAL E 201 21.21 14.10 0.05
N GLY E 202 22.37 14.35 0.65
CA GLY E 202 23.31 15.30 0.09
C GLY E 202 23.98 14.86 -1.19
N ALA E 203 24.02 13.55 -1.45
CA ALA E 203 24.63 13.04 -2.66
C ALA E 203 23.75 13.15 -3.90
N GLN E 204 22.51 13.59 -3.75
CA GLN E 204 21.63 13.82 -4.89
C GLN E 204 21.97 15.17 -5.51
N ARG E 205 22.58 15.15 -6.70
CA ARG E 205 22.92 16.37 -7.43
C ARG E 205 21.78 16.90 -8.26
N SER E 206 20.68 16.16 -8.38
CA SER E 206 19.51 16.61 -9.11
C SER E 206 18.76 17.68 -8.33
N GLU E 207 17.81 18.32 -9.01
CA GLU E 207 17.03 19.39 -8.41
C GLU E 207 16.07 18.82 -7.37
N ARG E 208 15.86 19.58 -6.29
CA ARG E 208 15.26 19.04 -5.07
C ARG E 208 13.81 18.61 -5.28
N LYS E 209 13.06 19.33 -6.11
CA LYS E 209 11.64 19.07 -6.26
C LYS E 209 11.34 17.81 -7.06
N LYS E 210 12.36 17.11 -7.57
CA LYS E 210 12.16 15.84 -8.23
C LYS E 210 12.01 14.68 -7.24
N TRP E 211 12.53 14.83 -6.02
CA TRP E 211 12.49 13.74 -5.05
C TRP E 211 12.08 14.16 -3.65
N ILE E 212 11.80 15.43 -3.39
CA ILE E 212 11.50 15.86 -2.03
C ILE E 212 10.13 15.39 -1.58
N HIS E 213 9.20 15.15 -2.52
CA HIS E 213 7.86 14.68 -2.19
C HIS E 213 7.86 13.27 -1.62
N CYS E 214 8.96 12.52 -1.81
CA CYS E 214 9.12 11.23 -1.16
C CYS E 214 9.24 11.34 0.35
N PHE E 215 9.63 12.51 0.87
CA PHE E 215 9.83 12.68 2.30
C PHE E 215 8.70 13.49 2.95
N GLU E 216 7.49 13.39 2.40
CA GLU E 216 6.37 14.18 2.90
C GLU E 216 5.94 13.72 4.30
N GLY E 217 6.06 12.44 4.60
CA GLY E 217 5.58 11.92 5.87
C GLY E 217 6.64 11.70 6.93
N VAL E 218 7.76 12.42 6.86
CA VAL E 218 8.78 12.26 7.88
C VAL E 218 8.34 12.96 9.16
N THR E 219 8.94 12.53 10.27
CA THR E 219 8.60 13.11 11.57
C THR E 219 9.12 14.53 11.68
N ALA E 220 10.38 14.75 11.30
CA ALA E 220 10.97 16.08 11.39
C ALA E 220 12.08 16.23 10.36
N ILE E 221 12.44 17.49 10.12
CA ILE E 221 13.57 17.85 9.26
C ILE E 221 14.64 18.45 10.15
N ILE E 222 15.80 17.80 10.23
CA ILE E 222 16.93 18.32 10.97
C ILE E 222 17.77 19.15 10.01
N PHE E 223 17.84 20.45 10.25
CA PHE E 223 18.50 21.39 9.36
C PHE E 223 19.76 21.90 10.05
N CYS E 224 20.91 21.70 9.41
CA CYS E 224 22.19 22.10 9.99
C CYS E 224 22.70 23.36 9.30
N VAL E 225 23.06 24.37 10.10
CA VAL E 225 23.58 25.64 9.61
C VAL E 225 24.87 25.94 10.35
N ALA E 226 25.96 26.16 9.61
CA ALA E 226 27.22 26.56 10.22
C ALA E 226 27.19 28.05 10.50
N LEU E 227 27.46 28.44 11.74
CA LEU E 227 27.48 29.86 12.08
C LEU E 227 28.74 30.54 11.54
N SER E 228 29.85 29.80 11.46
CA SER E 228 31.14 30.33 11.05
C SER E 228 31.16 30.78 9.59
N ASP E 229 30.16 30.40 8.81
CA ASP E 229 30.01 30.79 7.42
C ASP E 229 29.34 32.16 7.28
N TYR E 230 29.14 32.90 8.38
CA TYR E 230 28.46 34.19 8.30
C TYR E 230 29.31 35.26 7.61
N ASP E 231 30.59 35.01 7.37
CA ASP E 231 31.47 35.98 6.73
C ASP E 231 32.22 35.40 5.54
N LEU E 232 32.03 34.13 5.21
CA LEU E 232 32.77 33.46 4.16
C LEU E 232 31.95 33.46 2.88
N VAL E 233 32.53 33.99 1.80
CA VAL E 233 31.85 34.03 0.51
C VAL E 233 31.83 32.63 -0.09
N LEU E 234 30.81 32.35 -0.90
CA LEU E 234 30.75 31.08 -1.62
C LEU E 234 31.88 30.99 -2.65
N ALA E 235 32.46 29.80 -2.76
CA ALA E 235 33.53 29.58 -3.73
C ALA E 235 33.01 29.23 -5.11
N GLU E 236 31.79 28.70 -5.21
CA GLU E 236 31.21 28.42 -6.52
C GLU E 236 30.76 29.70 -7.21
N ASP E 237 30.06 30.57 -6.49
CA ASP E 237 29.53 31.81 -7.04
C ASP E 237 30.17 33.00 -6.34
N GLU E 238 30.70 33.93 -7.13
CA GLU E 238 31.32 35.13 -6.60
C GLU E 238 30.27 36.10 -6.06
N GLU E 239 30.66 36.81 -4.99
CA GLU E 239 29.86 37.87 -4.35
C GLU E 239 28.52 37.36 -3.81
N MET E 240 28.48 36.09 -3.38
CA MET E 240 27.29 35.52 -2.76
C MET E 240 27.72 34.88 -1.46
N ASN E 241 26.97 35.14 -0.39
CA ASN E 241 27.37 34.69 0.93
C ASN E 241 26.76 33.33 1.27
N ARG E 242 27.50 32.56 2.06
CA ARG E 242 27.04 31.23 2.46
C ARG E 242 25.87 31.31 3.42
N MET E 243 25.82 32.36 4.24
CA MET E 243 24.73 32.49 5.22
C MET E 243 23.43 32.86 4.53
N HIS E 244 23.49 33.77 3.56
CA HIS E 244 22.32 34.08 2.74
C HIS E 244 21.84 32.86 1.95
N ALA E 245 22.79 32.03 1.47
CA ALA E 245 22.41 30.82 0.75
C ALA E 245 21.76 29.80 1.68
N SER E 246 22.22 29.73 2.93
CA SER E 246 21.58 28.83 3.89
C SER E 246 20.22 29.33 4.33
N MET E 247 20.05 30.66 4.42
CA MET E 247 18.73 31.21 4.70
C MET E 247 17.77 31.00 3.53
N LYS E 248 18.26 31.08 2.30
CA LYS E 248 17.40 30.82 1.15
C LYS E 248 17.03 29.35 1.04
N LEU E 249 17.96 28.46 1.40
CA LEU E 249 17.64 27.03 1.44
C LEU E 249 16.63 26.72 2.54
N PHE E 250 16.79 27.33 3.73
CA PHE E 250 15.84 27.15 4.81
C PHE E 250 14.47 27.71 4.45
N ASP E 251 14.44 28.83 3.72
CA ASP E 251 13.19 29.41 3.26
C ASP E 251 12.51 28.52 2.22
N SER E 252 13.31 27.88 1.37
CA SER E 252 12.75 26.95 0.38
C SER E 252 12.18 25.70 1.03
N ILE E 253 12.86 25.18 2.06
CA ILE E 253 12.41 23.93 2.69
C ILE E 253 11.24 24.19 3.63
N CYS E 254 11.37 25.17 4.53
CA CYS E 254 10.35 25.48 5.53
C CYS E 254 8.99 25.84 4.92
N ASN E 255 9.00 26.50 3.77
CA ASN E 255 7.77 26.95 3.13
C ASN E 255 7.37 26.07 1.95
N ASN E 256 8.02 24.93 1.79
CA ASN E 256 7.67 23.98 0.74
C ASN E 256 6.28 23.41 0.98
N LYS E 257 5.54 23.19 -0.11
CA LYS E 257 4.17 22.71 -0.03
C LYS E 257 4.05 21.29 0.52
N TRP E 258 5.13 20.51 0.52
CA TRP E 258 5.10 19.17 1.07
C TRP E 258 5.33 19.13 2.58
N PHE E 259 5.84 20.21 3.16
CA PHE E 259 6.23 20.23 4.57
C PHE E 259 5.42 21.27 5.34
N THR E 260 4.12 21.35 5.07
CA THR E 260 3.27 22.33 5.73
C THR E 260 3.13 22.04 7.22
N ASP E 261 2.95 20.78 7.59
CA ASP E 261 2.84 20.37 8.99
C ASP E 261 4.14 19.87 9.60
N THR E 262 5.14 19.55 8.78
CA THR E 262 6.39 19.00 9.27
C THR E 262 7.19 20.04 10.05
N SER E 263 7.78 19.61 11.17
CA SER E 263 8.56 20.49 12.03
C SER E 263 10.03 20.43 11.66
N ILE E 264 10.77 21.44 12.12
CA ILE E 264 12.18 21.59 11.81
C ILE E 264 12.97 21.68 13.11
N ILE E 265 13.94 20.80 13.27
CA ILE E 265 14.92 20.87 14.34
C ILE E 265 16.17 21.52 13.77
N LEU E 266 16.49 22.73 14.23
CA LEU E 266 17.58 23.50 13.65
C LEU E 266 18.81 23.40 14.56
N PHE E 267 19.93 22.96 13.98
CA PHE E 267 21.21 22.89 14.67
C PHE E 267 22.14 23.95 14.11
N LEU E 268 22.59 24.86 14.97
CA LEU E 268 23.59 25.86 14.61
C LEU E 268 24.95 25.32 15.06
N ASN E 269 25.74 24.85 14.10
CA ASN E 269 27.02 24.24 14.36
C ASN E 269 28.14 25.29 14.46
N LYS E 270 29.27 24.83 15.00
CA LYS E 270 30.53 25.58 15.11
C LYS E 270 30.37 26.93 15.83
N LYS E 271 29.87 26.85 17.06
CA LYS E 271 29.64 28.08 17.82
C LYS E 271 30.91 28.62 18.46
N ASP E 272 31.95 27.79 18.60
CA ASP E 272 33.21 28.27 19.13
C ASP E 272 34.02 28.98 18.07
N LEU E 273 34.01 28.46 16.83
CA LEU E 273 34.59 29.19 15.71
C LEU E 273 33.83 30.48 15.44
N PHE E 274 32.51 30.46 15.63
CA PHE E 274 31.72 31.67 15.50
C PHE E 274 32.06 32.68 16.58
N GLU E 275 32.38 32.22 17.80
CA GLU E 275 32.74 33.14 18.86
C GLU E 275 34.14 33.70 18.67
N GLU E 276 35.05 32.89 18.10
CA GLU E 276 36.37 33.39 17.75
C GLU E 276 36.30 34.41 16.62
N LYS E 277 35.48 34.16 15.58
CA LYS E 277 35.38 35.09 14.47
C LYS E 277 34.61 36.36 14.83
N ILE E 278 33.62 36.27 15.73
CA ILE E 278 32.81 37.43 16.08
C ILE E 278 33.56 38.50 16.87
N LYS E 279 34.78 38.20 17.34
CA LYS E 279 35.59 39.20 18.02
C LYS E 279 36.31 40.10 17.02
N LYS E 280 36.76 39.54 15.90
CA LYS E 280 37.48 40.29 14.87
C LYS E 280 36.59 40.73 13.73
N SER E 281 35.68 39.87 13.26
CA SER E 281 34.79 40.19 12.15
C SER E 281 33.39 40.43 12.67
N PRO E 282 32.81 41.60 12.42
CA PRO E 282 31.46 41.88 12.92
C PRO E 282 30.39 41.18 12.10
N LEU E 283 29.18 41.13 12.67
CA LEU E 283 28.04 40.56 11.99
C LEU E 283 27.50 41.48 10.89
N THR E 284 27.88 42.76 10.90
CA THR E 284 27.39 43.75 9.95
C THR E 284 27.81 43.48 8.51
N ILE E 285 28.76 42.58 8.26
CA ILE E 285 29.13 42.26 6.88
C ILE E 285 28.10 41.34 6.25
N CYS E 286 27.32 40.62 7.06
CA CYS E 286 26.22 39.78 6.58
C CYS E 286 24.87 40.45 6.76
N TYR E 287 24.61 40.99 7.96
CA TYR E 287 23.35 41.66 8.29
C TYR E 287 23.64 43.14 8.49
N PRO E 288 23.49 43.97 7.45
CA PRO E 288 23.75 45.41 7.62
C PRO E 288 22.73 46.12 8.50
N GLU E 289 21.53 45.56 8.67
CA GLU E 289 20.52 46.13 9.54
C GLU E 289 20.66 45.68 10.99
N TYR E 290 21.78 45.05 11.35
CA TYR E 290 22.01 44.62 12.73
C TYR E 290 22.28 45.83 13.61
N ALA E 291 21.61 45.88 14.76
CA ALA E 291 21.71 47.00 15.68
C ALA E 291 22.30 46.61 17.04
N GLY E 292 22.77 45.37 17.20
CA GLY E 292 23.38 44.94 18.43
C GLY E 292 24.90 45.06 18.41
N SER E 293 25.51 44.51 19.46
CA SER E 293 26.95 44.59 19.65
C SER E 293 27.66 43.50 18.86
N ASN E 294 28.97 43.36 19.07
CA ASN E 294 29.76 42.31 18.44
C ASN E 294 30.05 41.16 19.40
N THR E 295 29.27 41.02 20.46
CA THR E 295 29.43 39.91 21.38
C THR E 295 28.80 38.64 20.82
N TYR E 296 29.19 37.51 21.40
CA TYR E 296 28.76 36.20 20.95
C TYR E 296 27.24 36.01 21.05
N GLU E 297 26.70 36.12 22.27
CA GLU E 297 25.31 35.75 22.55
C GLU E 297 24.30 36.61 21.80
N GLU E 298 24.53 37.93 21.69
CA GLU E 298 23.61 38.80 20.96
C GLU E 298 23.58 38.47 19.47
N ALA E 299 24.76 38.25 18.87
CA ALA E 299 24.83 37.87 17.46
C ALA E 299 24.19 36.51 17.22
N ALA E 300 24.42 35.56 18.12
CA ALA E 300 23.81 34.23 17.99
C ALA E 300 22.29 34.30 18.10
N ALA E 301 21.77 35.12 19.01
CA ALA E 301 20.34 35.34 19.12
C ALA E 301 19.78 36.01 17.87
N TYR E 302 20.54 36.94 17.29
CA TYR E 302 20.11 37.57 16.04
C TYR E 302 20.03 36.59 14.89
N ILE E 303 21.03 35.71 14.75
CA ILE E 303 20.99 34.70 13.69
C ILE E 303 19.85 33.71 13.92
N GLN E 304 19.59 33.38 15.20
CA GLN E 304 18.47 32.49 15.52
C GLN E 304 17.14 33.12 15.15
N CYS E 305 16.96 34.40 15.48
CA CYS E 305 15.74 35.11 15.13
C CYS E 305 15.58 35.25 13.62
N GLN E 306 16.68 35.50 12.90
CA GLN E 306 16.61 35.61 11.44
C GLN E 306 16.37 34.27 10.76
N PHE E 307 16.65 33.16 11.44
CA PHE E 307 16.24 31.89 10.85
C PHE E 307 14.82 31.52 11.23
N GLU E 308 14.37 31.86 12.44
CA GLU E 308 13.02 31.51 12.85
C GLU E 308 11.94 32.43 12.28
N ASP E 309 12.29 33.64 11.85
CA ASP E 309 11.25 34.48 11.24
C ASP E 309 11.01 34.18 9.77
N LEU E 310 11.79 33.28 9.17
CA LEU E 310 11.52 32.80 7.81
C LEU E 310 10.36 31.82 7.76
N ASN E 311 9.87 31.35 8.91
CA ASN E 311 8.73 30.46 8.96
C ASN E 311 7.47 31.27 8.66
N LYS E 312 6.88 31.06 7.49
CA LYS E 312 5.60 31.68 7.18
C LYS E 312 4.48 31.02 7.94
N ARG E 313 4.49 29.68 8.01
CA ARG E 313 3.44 28.90 8.63
C ARG E 313 3.78 28.71 10.11
N LYS E 314 3.59 29.79 10.88
CA LYS E 314 3.82 29.74 12.32
C LYS E 314 2.87 28.78 13.04
N ASP E 315 1.62 28.73 12.59
CA ASP E 315 0.61 27.95 13.29
C ASP E 315 0.79 26.45 13.11
N THR E 316 1.03 25.99 11.87
CA THR E 316 1.05 24.56 11.62
C THR E 316 2.35 23.87 12.00
N LYS E 317 3.48 24.59 12.05
CA LYS E 317 4.74 23.95 12.40
C LYS E 317 5.47 24.73 13.48
N GLU E 318 6.33 24.02 14.20
CA GLU E 318 7.20 24.57 15.23
C GLU E 318 8.65 24.36 14.82
N ILE E 319 9.51 25.30 15.20
CA ILE E 319 10.93 25.24 14.89
C ILE E 319 11.69 25.17 16.21
N TYR E 320 12.52 24.14 16.36
CA TYR E 320 13.32 23.92 17.56
C TYR E 320 14.78 24.19 17.22
N THR E 321 15.46 24.94 18.10
CA THR E 321 16.80 25.43 17.82
C THR E 321 17.75 25.00 18.94
N HIS E 322 18.91 24.47 18.54
CA HIS E 322 19.96 24.08 19.47
C HIS E 322 21.29 24.54 18.90
N PHE E 323 22.24 24.85 19.77
CA PHE E 323 23.52 25.41 19.35
C PHE E 323 24.62 24.37 19.20
N THR E 324 24.27 23.08 19.20
CA THR E 324 25.17 21.93 18.95
C THR E 324 26.38 21.95 19.91
N CYS E 325 26.09 22.05 21.19
CA CYS E 325 27.16 21.97 22.19
C CYS E 325 27.77 20.57 22.18
N SER E 326 29.10 20.51 22.15
CA SER E 326 29.82 19.24 22.13
C SER E 326 30.15 18.77 23.54
N THR E 327 29.11 18.58 24.36
CA THR E 327 29.32 18.15 25.73
C THR E 327 28.16 17.31 26.22
N ASP E 328 28.50 16.16 26.83
CA ASP E 328 27.59 15.25 27.54
C ASP E 328 26.41 14.76 26.70
N THR E 329 26.61 14.66 25.38
CA THR E 329 25.63 14.17 24.39
C THR E 329 24.30 14.92 24.51
N LYS E 330 24.39 16.24 24.66
CA LYS E 330 23.21 17.08 24.80
C LYS E 330 22.51 17.40 23.48
N ASN E 331 22.90 16.78 22.37
CA ASN E 331 22.24 16.99 21.09
C ASN E 331 21.27 15.88 20.75
N VAL E 332 21.63 14.64 21.11
CA VAL E 332 20.72 13.51 20.92
C VAL E 332 19.53 13.66 21.86
N GLN E 333 19.79 14.15 23.08
CA GLN E 333 18.71 14.44 24.03
C GLN E 333 17.78 15.54 23.50
N PHE E 334 18.34 16.55 22.84
CA PHE E 334 17.51 17.61 22.26
C PHE E 334 16.66 17.09 21.12
N VAL E 335 17.23 16.22 20.27
CA VAL E 335 16.47 15.59 19.20
C VAL E 335 15.35 14.73 19.77
N PHE E 336 15.64 13.98 20.84
CA PHE E 336 14.64 13.18 21.53
C PHE E 336 13.50 14.03 22.08
N ASP E 337 13.83 15.14 22.74
CA ASP E 337 12.82 16.05 23.28
C ASP E 337 11.95 16.66 22.18
N ALA E 338 12.57 17.11 21.09
CA ALA E 338 11.82 17.72 20.00
C ALA E 338 10.92 16.70 19.30
N VAL E 339 11.42 15.47 19.11
CA VAL E 339 10.62 14.41 18.50
C VAL E 339 9.47 14.01 19.43
N THR E 340 9.70 14.01 20.74
CA THR E 340 8.63 13.75 21.69
C THR E 340 7.55 14.82 21.64
N ASP E 341 7.96 16.09 21.50
CA ASP E 341 7.00 17.18 21.33
C ASP E 341 6.21 17.04 20.03
N VAL E 342 6.88 16.64 18.95
CA VAL E 342 6.22 16.45 17.66
C VAL E 342 5.22 15.29 17.73
N ILE E 343 5.59 14.20 18.40
CA ILE E 343 4.72 13.04 18.54
C ILE E 343 3.52 13.38 19.42
N ILE E 344 3.73 14.21 20.46
CA ILE E 344 2.63 14.68 21.30
C ILE E 344 1.65 15.53 20.48
N LYS E 345 2.16 16.43 19.65
CA LYS E 345 1.30 17.25 18.81
C LYS E 345 0.56 16.42 17.75
N ASN E 346 1.23 15.39 17.22
CA ASN E 346 0.58 14.48 16.27
C ASN E 346 -0.52 13.67 16.93
N ASN E 347 -0.29 13.22 18.17
CA ASN E 347 -1.32 12.50 18.91
C ASN E 347 -2.49 13.41 19.25
N LEU E 348 -2.22 14.68 19.54
CA LEU E 348 -3.28 15.65 19.79
C LEU E 348 -4.09 15.92 18.52
N LYS E 349 -3.44 15.91 17.36
CA LYS E 349 -4.17 16.03 16.10
C LYS E 349 -4.98 14.78 15.79
N ASP E 350 -4.44 13.61 16.15
CA ASP E 350 -5.16 12.35 15.92
C ASP E 350 -6.39 12.25 16.81
N CYS E 351 -6.29 12.66 18.07
CA CYS E 351 -7.41 12.57 19.00
C CYS E 351 -8.44 13.67 18.81
N GLY E 352 -8.24 14.59 17.86
CA GLY E 352 -9.20 15.63 17.58
C GLY E 352 -9.10 16.84 18.47
N LEU E 353 -8.20 16.85 19.46
CA LEU E 353 -8.05 18.00 20.34
C LEU E 353 -7.32 19.16 19.68
N PHE E 354 -6.59 18.90 18.60
CA PHE E 354 -5.79 19.94 17.95
C PHE E 354 -6.06 19.94 16.44
N1 IUE F . -43.31 13.37 32.96
C7 IUE F . -40.70 10.27 38.61
C8 IUE F . -43.53 11.26 40.64
N2 IUE F . -39.75 11.20 34.25
C9 IUE F . -42.13 12.75 33.15
O1 IUE F . -41.22 12.66 32.32
C1 IUE F . -40.18 10.44 37.33
C5 IUE F . -42.30 11.49 36.85
C6 IUE F . -41.99 10.72 38.93
C4 IUE F . -41.94 12.14 34.50
C3 IUE F . -40.84 11.47 35.00
C2 IUE F . -41.04 11.09 36.39
N IUE F . -42.78 11.31 38.08
C IUE F . -38.78 9.97 37.02
O IUE F . -42.38 10.53 40.21
C10 IUE F . -43.70 14.23 31.83
C11 IUE F . -43.39 13.80 30.44
C12 IUE F . -44.79 13.76 30.95
S IUE F . -43.23 12.31 35.64
CL IUE F . -39.72 9.49 39.79
C01 IXO G . -32.33 8.38 30.20
N02 IXO G . -31.78 9.71 30.30
C03 IXO G . -31.04 9.99 29.08
C04 IXO G . -32.86 10.67 30.42
C05 IXO G . -30.91 9.87 31.44
C06 IXO G . -30.03 8.64 31.67
C07 IXO G . -29.33 7.70 31.88
C08 IXO G . -28.42 6.50 32.15
O09 IXO G . -27.08 6.90 32.03
C10 IXO G . -26.62 7.70 33.09
N11 IXO G . -27.40 7.79 34.34
O12 IXO G . -27.49 9.06 34.77
C13 IXO G . -26.46 9.85 33.92
C14 IXO G . -26.03 8.85 32.79
#